data_3LST
#
_entry.id   3LST
#
_cell.length_a   63.515
_cell.length_b   93.603
_cell.length_c   240.971
_cell.angle_alpha   90.000
_cell.angle_beta   90.000
_cell.angle_gamma   90.000
#
_symmetry.space_group_name_H-M   'C 2 2 21'
#
loop_
_entity.id
_entity.type
_entity.pdbx_description
1 polymer 'CalO1 Methyltransferase'
2 non-polymer S-ADENOSYL-L-HOMOCYSTEINE
3 non-polymer 1,2-ETHANEDIOL
4 water water
#
_entity_poly.entity_id   1
_entity_poly.type   'polypeptide(L)'
_entity_poly.pdbx_seq_one_letter_code
;GSH(MSE)QRQRPPSRAGGD(MSE)DRLQSALALYEEA(MSE)GYTYAAALRAAAAVGVADHLVDGPRTPAELAAATGTD
ADALRRVLRLLAVRDVVRESDGRFALTDKGAALRSDSPVPARAGIL(MSE)FTDT(MSE)FWT(MSE)SHRVASALGPER
PAFADIFGSSLDAYFDGDAEVEALYYEG(MSE)ETVSAAEHLILARAGDFPATGTVADVGGGRGGFLLTVLREHPGLQGV
LLDRAEVVARHRLDAPDVAGRWKVVEGDFLREVPHADVHVLKRILHNWGDEDSVRILTNCRRV(MSE)PAHGRVLVIDAV
VPEGNDAHQSKE(MSE)DF(MSE)(MSE)LAARTGQERTAAELEPLFTAAGLRLDRVVGTSSV(MSE)SIAVGVPA
;
_entity_poly.pdbx_strand_id   A,B
#
# COMPACT_ATOMS: atom_id res chain seq x y z
N ASP A 16 -1.27 34.55 -34.50
CA ASP A 16 -0.94 35.74 -35.27
C ASP A 16 -1.81 36.93 -34.87
N ASP A 18 -1.92 40.73 -31.97
CA ASP A 18 -1.22 41.64 -31.07
C ASP A 18 -1.55 41.35 -29.60
N ARG A 19 -0.81 41.99 -28.70
CA ARG A 19 -0.84 41.65 -27.29
C ARG A 19 -2.22 41.86 -26.66
N LEU A 20 -2.95 42.85 -27.15
CA LEU A 20 -4.30 43.11 -26.65
C LEU A 20 -5.28 42.03 -27.11
N GLN A 21 -5.22 41.67 -28.39
CA GLN A 21 -6.04 40.58 -28.90
C GLN A 21 -5.71 39.28 -28.18
N SER A 22 -4.43 39.09 -27.86
CA SER A 22 -4.02 37.96 -27.04
C SER A 22 -4.88 37.92 -25.77
N ALA A 23 -4.92 39.05 -25.06
CA ALA A 23 -5.66 39.12 -23.82
C ALA A 23 -7.11 38.73 -24.03
N LEU A 24 -7.71 39.30 -25.08
CA LEU A 24 -9.11 39.04 -25.40
C LEU A 24 -9.36 37.56 -25.69
N ALA A 25 -8.43 36.96 -26.43
CA ALA A 25 -8.54 35.55 -26.78
C ALA A 25 -8.38 34.67 -25.55
N LEU A 26 -7.48 35.06 -24.65
CA LEU A 26 -7.30 34.34 -23.39
C LEU A 26 -8.51 34.48 -22.46
N TYR A 27 -9.14 35.65 -22.43
CA TYR A 27 -10.38 35.81 -21.65
C TYR A 27 -11.44 34.84 -22.15
N GLU A 28 -11.53 34.72 -23.47
CA GLU A 28 -12.45 33.78 -24.08
C GLU A 28 -12.11 32.34 -23.68
N GLU A 29 -10.83 31.96 -23.80
CA GLU A 29 -10.39 30.63 -23.40
C GLU A 29 -10.72 30.34 -21.94
N ALA A 30 -10.67 31.36 -21.10
CA ALA A 30 -10.86 31.17 -19.66
C ALA A 30 -12.30 30.79 -19.34
N GLY A 32 -14.09 28.87 -21.28
CA GLY A 32 -14.38 27.68 -22.05
C GLY A 32 -15.05 26.56 -21.26
N TYR A 33 -15.00 26.66 -19.94
CA TYR A 33 -15.56 25.62 -19.09
C TYR A 33 -17.09 25.68 -19.07
N THR A 34 -17.65 26.80 -19.51
CA THR A 34 -19.09 27.00 -19.45
C THR A 34 -19.86 25.97 -20.29
N TYR A 35 -19.28 25.57 -21.41
CA TYR A 35 -19.91 24.58 -22.28
C TYR A 35 -20.15 23.27 -21.53
N ALA A 36 -19.11 22.77 -20.88
CA ALA A 36 -19.24 21.54 -20.10
C ALA A 36 -20.25 21.73 -18.96
N ALA A 37 -20.29 22.94 -18.42
CA ALA A 37 -21.23 23.27 -17.36
C ALA A 37 -22.65 23.20 -17.88
N ALA A 38 -22.86 23.73 -19.07
CA ALA A 38 -24.17 23.71 -19.72
C ALA A 38 -24.58 22.27 -20.03
N LEU A 39 -23.67 21.49 -20.60
CA LEU A 39 -23.97 20.09 -20.91
C LEU A 39 -24.37 19.35 -19.64
N ARG A 40 -23.64 19.60 -18.56
CA ARG A 40 -23.96 18.98 -17.28
C ARG A 40 -25.41 19.29 -16.88
N ALA A 41 -25.76 20.57 -16.88
CA ALA A 41 -27.12 20.99 -16.52
C ALA A 41 -28.18 20.35 -17.42
N ALA A 42 -27.91 20.31 -18.73
CA ALA A 42 -28.85 19.75 -19.69
C ALA A 42 -29.10 18.28 -19.41
N ALA A 43 -28.02 17.53 -19.20
CA ALA A 43 -28.14 16.13 -18.86
C ALA A 43 -28.79 15.95 -17.49
N ALA A 44 -28.49 16.87 -16.58
CA ALA A 44 -29.06 16.81 -15.24
C ALA A 44 -30.59 16.84 -15.29
N VAL A 45 -31.14 17.88 -15.91
CA VAL A 45 -32.59 18.05 -15.99
C VAL A 45 -33.23 17.07 -16.98
N GLY A 46 -32.43 16.56 -17.91
CA GLY A 46 -32.89 15.56 -18.86
C GLY A 46 -33.84 16.12 -19.91
N VAL A 47 -33.47 17.26 -20.48
CA VAL A 47 -34.32 17.93 -21.45
C VAL A 47 -34.37 17.21 -22.80
N ALA A 48 -33.34 16.40 -23.07
CA ALA A 48 -33.25 15.66 -24.32
C ALA A 48 -34.43 14.73 -24.57
N ASP A 49 -34.93 14.09 -23.52
CA ASP A 49 -36.05 13.18 -23.63
C ASP A 49 -37.30 13.86 -24.22
N HIS A 50 -37.40 15.17 -24.01
CA HIS A 50 -38.56 15.91 -24.45
C HIS A 50 -38.35 16.55 -25.83
N LEU A 51 -37.27 16.15 -26.51
CA LEU A 51 -36.99 16.66 -27.85
C LEU A 51 -37.11 15.56 -28.88
N VAL A 52 -37.56 14.39 -28.45
CA VAL A 52 -37.66 13.23 -29.33
C VAL A 52 -38.84 13.35 -30.31
N ASP A 53 -39.86 14.09 -29.92
CA ASP A 53 -41.04 14.28 -30.76
C ASP A 53 -40.81 15.36 -31.81
N GLY A 54 -39.74 16.13 -31.65
CA GLY A 54 -39.44 17.19 -32.58
C GLY A 54 -39.12 18.51 -31.88
N PRO A 55 -38.80 19.53 -32.67
CA PRO A 55 -38.37 20.84 -32.17
C PRO A 55 -39.40 21.42 -31.21
N ARG A 56 -38.94 21.96 -30.09
CA ARG A 56 -39.83 22.56 -29.12
C ARG A 56 -39.37 23.96 -28.74
N THR A 57 -40.21 24.70 -28.01
CA THR A 57 -39.84 26.04 -27.56
C THR A 57 -39.30 25.98 -26.13
N PRO A 58 -38.52 26.99 -25.75
CA PRO A 58 -38.02 27.09 -24.37
C PRO A 58 -39.14 27.00 -23.35
N ALA A 59 -40.29 27.59 -23.66
CA ALA A 59 -41.45 27.49 -22.78
C ALA A 59 -41.94 26.04 -22.65
N GLU A 60 -42.08 25.37 -23.78
CA GLU A 60 -42.56 24.00 -23.79
C GLU A 60 -41.60 23.07 -23.06
N LEU A 61 -40.31 23.19 -23.38
CA LEU A 61 -39.26 22.40 -22.74
C LEU A 61 -39.24 22.67 -21.23
N ALA A 62 -39.43 23.94 -20.87
CA ALA A 62 -39.46 24.35 -19.46
C ALA A 62 -40.58 23.65 -18.70
N ALA A 63 -41.78 23.66 -19.25
CA ALA A 63 -42.91 22.99 -18.61
C ALA A 63 -42.61 21.52 -18.38
N ALA A 64 -41.92 20.89 -19.33
CA ALA A 64 -41.65 19.47 -19.27
C ALA A 64 -40.50 19.09 -18.32
N THR A 65 -39.58 20.00 -18.11
CA THR A 65 -38.33 19.68 -17.41
C THR A 65 -38.39 19.38 -15.90
N GLY A 66 -38.99 20.25 -15.08
CA GLY A 66 -39.54 21.52 -15.50
C GLY A 66 -38.84 22.68 -14.81
N THR A 67 -38.55 23.72 -15.59
CA THR A 67 -37.62 24.75 -15.17
C THR A 67 -38.07 26.11 -15.68
N ASP A 68 -37.25 27.14 -15.46
CA ASP A 68 -37.57 28.48 -15.96
C ASP A 68 -37.22 28.62 -17.43
N ALA A 69 -38.15 29.12 -18.22
CA ALA A 69 -37.96 29.24 -19.66
C ALA A 69 -36.76 30.10 -20.02
N ASP A 70 -36.80 31.36 -19.62
CA ASP A 70 -35.75 32.31 -19.97
C ASP A 70 -34.37 31.81 -19.56
N ALA A 71 -34.33 31.02 -18.48
CA ALA A 71 -33.09 30.46 -17.98
C ALA A 71 -32.63 29.29 -18.85
N LEU A 72 -33.50 28.28 -18.96
CA LEU A 72 -33.23 27.10 -19.76
C LEU A 72 -32.84 27.50 -21.18
N ARG A 73 -33.47 28.56 -21.68
CA ARG A 73 -33.16 29.10 -23.00
C ARG A 73 -31.67 29.45 -23.13
N ARG A 74 -31.14 30.15 -22.12
CA ARG A 74 -29.76 30.63 -22.18
C ARG A 74 -28.74 29.49 -22.11
N VAL A 75 -29.14 28.40 -21.48
CA VAL A 75 -28.31 27.20 -21.43
C VAL A 75 -28.30 26.53 -22.80
N LEU A 76 -29.49 26.31 -23.36
CA LEU A 76 -29.63 25.71 -24.67
C LEU A 76 -28.88 26.50 -25.74
N ARG A 77 -28.92 27.83 -25.63
CA ARG A 77 -28.22 28.68 -26.59
C ARG A 77 -26.73 28.38 -26.63
N LEU A 78 -26.12 28.26 -25.46
CA LEU A 78 -24.69 27.98 -25.39
C LEU A 78 -24.39 26.57 -25.93
N LEU A 79 -25.30 25.63 -25.67
CA LEU A 79 -25.12 24.25 -26.14
C LEU A 79 -25.27 24.10 -27.65
N ALA A 80 -26.04 25.00 -28.26
CA ALA A 80 -26.22 24.95 -29.71
C ALA A 80 -24.91 25.35 -30.40
N VAL A 81 -24.08 26.09 -29.69
CA VAL A 81 -22.77 26.46 -30.21
C VAL A 81 -21.90 25.21 -30.39
N ARG A 82 -22.13 24.20 -29.54
CA ARG A 82 -21.38 22.96 -29.63
C ARG A 82 -22.15 21.92 -30.43
N ASP A 83 -23.18 22.36 -31.15
CA ASP A 83 -23.99 21.48 -31.99
C ASP A 83 -24.64 20.33 -31.23
N VAL A 84 -24.95 20.55 -29.95
CA VAL A 84 -25.67 19.55 -29.17
C VAL A 84 -27.18 19.72 -29.40
N VAL A 85 -27.63 20.97 -29.43
CA VAL A 85 -28.96 21.31 -29.91
C VAL A 85 -28.83 22.33 -31.03
N ARG A 86 -29.95 22.71 -31.63
CA ARG A 86 -29.96 23.67 -32.73
C ARG A 86 -31.24 24.51 -32.71
N GLU A 87 -31.10 25.81 -32.91
CA GLU A 87 -32.25 26.71 -32.85
C GLU A 87 -32.69 27.23 -34.22
N SER A 88 -34.01 27.32 -34.41
CA SER A 88 -34.57 27.94 -35.59
C SER A 88 -36.02 28.31 -35.29
N ASP A 89 -36.42 29.52 -35.68
CA ASP A 89 -37.77 29.99 -35.43
C ASP A 89 -38.21 29.78 -33.99
N GLY A 90 -37.30 30.07 -33.06
CA GLY A 90 -37.61 30.01 -31.64
C GLY A 90 -37.77 28.61 -31.09
N ARG A 91 -37.30 27.62 -31.83
CA ARG A 91 -37.38 26.25 -31.37
C ARG A 91 -36.02 25.56 -31.33
N PHE A 92 -35.83 24.69 -30.36
CA PHE A 92 -34.62 23.91 -30.25
C PHE A 92 -34.86 22.45 -30.62
N ALA A 93 -33.96 21.89 -31.42
CA ALA A 93 -34.05 20.49 -31.79
C ALA A 93 -32.82 19.74 -31.31
N LEU A 94 -32.99 18.46 -31.01
CA LEU A 94 -31.86 17.63 -30.64
C LEU A 94 -31.14 17.18 -31.90
N THR A 95 -29.83 17.33 -31.92
CA THR A 95 -29.03 16.98 -33.09
C THR A 95 -28.50 15.55 -32.98
N ASP A 96 -27.76 15.12 -33.99
CA ASP A 96 -27.14 13.80 -33.96
C ASP A 96 -26.13 13.68 -32.84
N LYS A 97 -25.33 14.73 -32.65
CA LYS A 97 -24.31 14.74 -31.62
C LYS A 97 -24.93 14.71 -30.22
N GLY A 98 -26.12 15.27 -30.08
CA GLY A 98 -26.79 15.31 -28.78
C GLY A 98 -27.68 14.12 -28.53
N ALA A 99 -27.83 13.27 -29.53
CA ALA A 99 -28.77 12.16 -29.46
C ALA A 99 -28.59 11.27 -28.22
N ALA A 100 -27.34 10.97 -27.87
CA ALA A 100 -27.06 10.05 -26.77
C ALA A 100 -27.51 10.57 -25.42
N LEU A 101 -28.03 11.80 -25.40
CA LEU A 101 -28.64 12.36 -24.19
C LEU A 101 -30.01 11.71 -23.90
N ARG A 102 -30.56 11.06 -24.91
CA ARG A 102 -31.86 10.38 -24.77
C ARG A 102 -31.70 9.18 -23.85
N SER A 103 -32.68 8.98 -22.96
CA SER A 103 -32.66 7.86 -22.04
C SER A 103 -32.87 6.52 -22.74
N ASP A 104 -33.51 6.56 -23.92
CA ASP A 104 -33.78 5.34 -24.67
C ASP A 104 -32.56 4.84 -25.44
N SER A 105 -31.43 5.51 -25.28
CA SER A 105 -30.20 5.11 -25.97
C SER A 105 -29.62 3.80 -25.41
N PRO A 106 -29.11 2.94 -26.29
CA PRO A 106 -28.36 1.75 -25.85
C PRO A 106 -27.33 2.14 -24.80
N VAL A 107 -26.53 3.16 -25.10
CA VAL A 107 -25.60 3.71 -24.12
C VAL A 107 -25.92 5.17 -23.87
N PRO A 108 -26.78 5.45 -22.87
CA PRO A 108 -27.11 6.83 -22.50
C PRO A 108 -25.88 7.55 -22.01
N ALA A 109 -25.65 8.76 -22.49
CA ALA A 109 -24.45 9.52 -22.14
C ALA A 109 -24.55 10.21 -20.78
N ARG A 110 -25.75 10.23 -20.20
CA ARG A 110 -25.99 11.00 -18.98
C ARG A 110 -25.04 10.65 -17.84
N ALA A 111 -24.97 9.37 -17.48
CA ALA A 111 -24.12 8.94 -16.37
C ALA A 111 -22.67 9.39 -16.56
N GLY A 112 -22.16 9.21 -17.77
CA GLY A 112 -20.78 9.58 -18.09
C GLY A 112 -20.56 11.07 -18.01
N ILE A 113 -21.50 11.84 -18.53
CA ILE A 113 -21.41 13.29 -18.46
C ILE A 113 -21.41 13.76 -17.02
N LEU A 114 -22.33 13.23 -16.22
CA LEU A 114 -22.46 13.64 -14.82
C LEU A 114 -21.23 13.27 -14.01
N PHE A 116 -17.93 12.85 -15.38
CA PHE A 116 -16.79 13.63 -15.84
C PHE A 116 -16.84 15.08 -15.37
N THR A 117 -18.04 15.55 -15.05
CA THR A 117 -18.22 16.91 -14.54
C THR A 117 -18.59 16.90 -13.06
N ASP A 118 -18.49 15.74 -12.42
CA ASP A 118 -18.82 15.60 -11.01
C ASP A 118 -18.02 16.57 -10.15
N THR A 119 -18.51 16.80 -8.93
CA THR A 119 -17.86 17.71 -7.98
C THR A 119 -16.38 17.43 -7.81
N PHE A 121 -13.97 15.80 -9.76
CA PHE A 121 -13.16 16.17 -10.91
C PHE A 121 -13.19 17.68 -11.14
N TRP A 122 -14.37 18.27 -11.01
CA TRP A 122 -14.55 19.69 -11.23
C TRP A 122 -13.68 20.47 -10.25
N THR A 123 -13.58 19.96 -9.02
CA THR A 123 -12.85 20.62 -7.95
C THR A 123 -11.35 20.40 -8.09
N SER A 125 -9.69 19.59 -10.79
CA SER A 125 -9.22 20.31 -11.98
C SER A 125 -8.95 21.77 -11.64
N HIS A 126 -9.78 22.32 -10.76
CA HIS A 126 -9.69 23.72 -10.38
C HIS A 126 -8.44 24.02 -9.53
N ARG A 127 -7.95 23.01 -8.83
CA ARG A 127 -6.79 23.20 -7.95
C ARG A 127 -5.51 22.62 -8.53
N VAL A 128 -5.48 22.41 -9.84
CA VAL A 128 -4.31 21.82 -10.49
C VAL A 128 -3.04 22.63 -10.22
N ALA A 129 -3.19 23.94 -10.06
CA ALA A 129 -2.05 24.78 -9.71
C ALA A 129 -1.37 24.24 -8.45
N SER A 130 -2.16 23.90 -7.45
CA SER A 130 -1.64 23.33 -6.21
C SER A 130 -1.04 21.95 -6.43
N ALA A 131 -1.50 21.27 -7.47
CA ALA A 131 -1.06 19.91 -7.75
C ALA A 131 0.28 19.85 -8.47
N LEU A 132 0.80 21.02 -8.86
CA LEU A 132 2.05 21.08 -9.61
C LEU A 132 3.28 21.11 -8.70
N GLY A 133 3.04 21.02 -7.39
CA GLY A 133 4.12 21.03 -6.40
C GLY A 133 5.28 20.13 -6.77
N PRO A 134 6.46 20.55 -6.42
CA PRO A 134 7.70 19.89 -6.83
C PRO A 134 7.82 18.47 -6.30
N GLU A 135 7.23 18.23 -5.13
CA GLU A 135 7.23 16.92 -4.50
C GLU A 135 6.03 16.03 -4.84
N ARG A 136 5.12 16.49 -5.69
CA ARG A 136 3.95 15.75 -6.10
C ARG A 136 2.83 15.36 -5.09
N PRO A 137 2.07 16.31 -4.58
CA PRO A 137 1.06 16.10 -3.53
C PRO A 137 0.08 14.98 -3.86
N ALA A 138 -0.50 14.38 -2.83
CA ALA A 138 -1.47 13.30 -2.99
C ALA A 138 -2.90 13.84 -3.04
N PHE A 139 -3.84 12.97 -3.38
CA PHE A 139 -5.24 13.37 -3.52
C PHE A 139 -5.77 14.12 -2.31
N ALA A 140 -5.59 13.54 -1.13
CA ALA A 140 -6.17 14.08 0.10
C ALA A 140 -5.73 15.51 0.36
N ASP A 141 -4.46 15.79 0.05
CA ASP A 141 -3.89 17.12 0.24
C ASP A 141 -4.75 18.21 -0.40
N ILE A 142 -5.22 17.93 -1.61
CA ILE A 142 -5.82 18.96 -2.43
C ILE A 142 -7.33 19.06 -2.26
N PHE A 143 -7.99 17.95 -1.96
CA PHE A 143 -9.44 17.91 -1.95
C PHE A 143 -10.05 18.26 -0.59
N GLY A 144 -9.29 18.06 0.47
CA GLY A 144 -9.79 18.31 1.81
C GLY A 144 -10.28 17.03 2.46
N SER A 145 -10.23 15.94 1.70
CA SER A 145 -10.64 14.64 2.20
C SER A 145 -9.93 13.53 1.43
N SER A 146 -10.13 12.29 1.86
CA SER A 146 -9.70 11.15 1.08
C SER A 146 -10.75 10.91 0.02
N LEU A 147 -10.41 10.14 -1.00
CA LEU A 147 -11.37 9.82 -2.05
C LEU A 147 -12.47 8.94 -1.48
N ASP A 148 -12.10 8.01 -0.61
CA ASP A 148 -13.06 7.14 0.05
C ASP A 148 -14.06 7.95 0.85
N ALA A 149 -13.55 8.84 1.71
CA ALA A 149 -14.42 9.71 2.50
C ALA A 149 -15.45 10.38 1.59
N TYR A 150 -15.02 10.76 0.39
CA TYR A 150 -15.92 11.40 -0.56
C TYR A 150 -17.08 10.50 -0.96
N PHE A 151 -16.77 9.26 -1.32
CA PHE A 151 -17.80 8.32 -1.76
C PHE A 151 -18.65 7.80 -0.60
N ASP A 152 -17.99 7.49 0.51
CA ASP A 152 -18.68 7.00 1.69
C ASP A 152 -19.51 8.11 2.34
N GLY A 153 -19.41 9.32 1.80
CA GLY A 153 -20.17 10.45 2.29
C GLY A 153 -21.45 10.64 1.51
N ASP A 154 -21.45 10.18 0.25
CA ASP A 154 -22.63 10.25 -0.59
C ASP A 154 -22.78 8.96 -1.39
N ALA A 155 -23.81 8.18 -1.08
CA ALA A 155 -24.00 6.88 -1.71
C ALA A 155 -24.30 6.98 -3.20
N GLU A 156 -25.11 7.97 -3.58
CA GLU A 156 -25.54 8.10 -4.97
C GLU A 156 -24.41 8.53 -5.90
N VAL A 157 -23.37 9.13 -5.33
CA VAL A 157 -22.21 9.54 -6.13
C VAL A 157 -21.32 8.34 -6.44
N GLU A 158 -21.17 7.45 -5.46
CA GLU A 158 -20.45 6.20 -5.70
C GLU A 158 -21.17 5.42 -6.79
N ALA A 159 -22.49 5.46 -6.75
CA ALA A 159 -23.32 4.79 -7.75
C ALA A 159 -23.13 5.42 -9.13
N LEU A 160 -22.91 6.73 -9.15
CA LEU A 160 -22.73 7.46 -10.40
C LEU A 160 -21.43 7.08 -11.10
N TYR A 161 -20.38 6.83 -10.32
CA TYR A 161 -19.08 6.50 -10.91
C TYR A 161 -19.05 5.08 -11.48
N TYR A 162 -19.70 4.14 -10.80
CA TYR A 162 -19.81 2.78 -11.31
C TYR A 162 -20.57 2.75 -12.63
N GLU A 163 -21.73 3.39 -12.66
CA GLU A 163 -22.55 3.45 -13.87
C GLU A 163 -21.86 4.27 -14.96
N GLY A 164 -21.21 5.37 -14.56
CA GLY A 164 -20.49 6.21 -15.49
C GLY A 164 -19.39 5.44 -16.19
N GLU A 166 -19.03 2.24 -16.42
CA GLU A 166 -19.60 1.10 -17.13
C GLU A 166 -20.11 1.50 -18.51
N THR A 167 -20.86 2.60 -18.57
CA THR A 167 -21.45 3.04 -19.84
C THR A 167 -20.40 3.63 -20.78
N VAL A 168 -19.48 4.41 -20.22
CA VAL A 168 -18.40 4.98 -20.99
C VAL A 168 -17.63 3.89 -21.75
N SER A 169 -17.29 2.81 -21.04
CA SER A 169 -16.58 1.70 -21.66
C SER A 169 -17.48 0.94 -22.64
N ALA A 170 -18.74 0.81 -22.28
CA ALA A 170 -19.68 0.10 -23.14
C ALA A 170 -19.77 0.77 -24.50
N ALA A 171 -19.54 2.08 -24.54
CA ALA A 171 -19.68 2.84 -25.78
C ALA A 171 -18.52 2.60 -26.75
N GLU A 172 -17.40 2.09 -26.25
CA GLU A 172 -16.21 1.92 -27.08
C GLU A 172 -15.98 0.46 -27.46
N HIS A 173 -16.74 -0.45 -26.86
CA HIS A 173 -16.48 -1.88 -26.99
C HIS A 173 -16.57 -2.42 -28.41
N LEU A 174 -17.69 -2.18 -29.09
CA LEU A 174 -17.89 -2.71 -30.42
C LEU A 174 -16.80 -2.22 -31.38
N ILE A 175 -16.46 -0.95 -31.28
CA ILE A 175 -15.36 -0.39 -32.06
C ILE A 175 -14.06 -1.15 -31.82
N LEU A 176 -13.72 -1.36 -30.55
CA LEU A 176 -12.47 -2.00 -30.19
C LEU A 176 -12.44 -3.48 -30.52
N ALA A 177 -13.61 -4.11 -30.51
CA ALA A 177 -13.72 -5.53 -30.81
C ALA A 177 -13.47 -5.78 -32.29
N ARG A 178 -13.93 -4.86 -33.13
CA ARG A 178 -13.77 -4.98 -34.57
C ARG A 178 -12.39 -4.50 -35.02
N ALA A 179 -11.82 -3.57 -34.26
CA ALA A 179 -10.53 -3.01 -34.62
C ALA A 179 -9.39 -3.90 -34.10
N GLY A 180 -9.70 -4.71 -33.11
CA GLY A 180 -8.71 -5.60 -32.54
C GLY A 180 -8.34 -6.72 -33.49
N ASP A 181 -7.05 -7.05 -33.54
CA ASP A 181 -6.60 -8.14 -34.38
C ASP A 181 -6.82 -9.45 -33.63
N PHE A 182 -8.00 -10.02 -33.78
CA PHE A 182 -8.36 -11.22 -33.03
C PHE A 182 -8.34 -12.48 -33.89
N PRO A 183 -7.76 -13.57 -33.35
CA PRO A 183 -7.71 -14.86 -34.03
C PRO A 183 -9.11 -15.44 -34.16
N ALA A 184 -9.29 -16.37 -35.08
CA ALA A 184 -10.59 -16.98 -35.29
C ALA A 184 -10.92 -17.97 -34.17
N THR A 185 -9.89 -18.61 -33.64
CA THR A 185 -10.03 -19.50 -32.50
C THR A 185 -8.94 -19.20 -31.49
N GLY A 186 -9.06 -19.78 -30.30
CA GLY A 186 -8.13 -19.53 -29.22
C GLY A 186 -8.80 -18.97 -27.99
N THR A 187 -8.00 -18.52 -27.04
CA THR A 187 -8.52 -18.03 -25.77
C THR A 187 -8.08 -16.60 -25.48
N VAL A 188 -9.04 -15.77 -25.11
CA VAL A 188 -8.74 -14.39 -24.78
C VAL A 188 -8.92 -14.15 -23.29
N ALA A 189 -7.86 -13.69 -22.64
CA ALA A 189 -7.92 -13.34 -21.24
C ALA A 189 -8.04 -11.83 -21.08
N ASP A 190 -9.20 -11.36 -20.68
CA ASP A 190 -9.37 -9.94 -20.39
C ASP A 190 -8.86 -9.68 -18.98
N VAL A 191 -7.59 -9.30 -18.89
CA VAL A 191 -6.95 -9.10 -17.59
C VAL A 191 -7.43 -7.80 -16.96
N GLY A 192 -8.16 -7.91 -15.86
CA GLY A 192 -8.79 -6.76 -15.24
C GLY A 192 -9.95 -6.27 -16.10
N GLY A 193 -10.73 -7.20 -16.62
CA GLY A 193 -11.77 -6.89 -17.57
C GLY A 193 -13.06 -6.36 -16.97
N GLY A 194 -13.02 -5.98 -15.70
CA GLY A 194 -14.19 -5.46 -15.02
C GLY A 194 -15.30 -6.47 -14.92
N ARG A 195 -16.51 -6.05 -15.28
CA ARG A 195 -17.68 -6.92 -15.22
C ARG A 195 -17.84 -7.77 -16.47
N GLY A 196 -16.85 -7.71 -17.36
CA GLY A 196 -16.80 -8.59 -18.52
C GLY A 196 -17.40 -8.04 -19.80
N GLY A 197 -17.86 -6.79 -19.76
CA GLY A 197 -18.47 -6.16 -20.91
C GLY A 197 -17.66 -6.28 -22.21
N PHE A 198 -16.38 -5.91 -22.15
CA PHE A 198 -15.57 -5.94 -23.36
C PHE A 198 -15.37 -7.38 -23.85
N LEU A 199 -15.01 -8.28 -22.93
CA LEU A 199 -14.85 -9.69 -23.28
C LEU A 199 -16.12 -10.24 -23.92
N LEU A 200 -17.28 -9.86 -23.40
CA LEU A 200 -18.55 -10.29 -23.94
C LEU A 200 -18.70 -9.84 -25.39
N THR A 201 -18.37 -8.58 -25.64
CA THR A 201 -18.48 -8.03 -26.98
C THR A 201 -17.50 -8.71 -27.92
N VAL A 202 -16.30 -8.97 -27.44
CA VAL A 202 -15.31 -9.65 -28.25
C VAL A 202 -15.77 -11.06 -28.62
N LEU A 203 -16.35 -11.77 -27.66
CA LEU A 203 -16.84 -13.12 -27.92
C LEU A 203 -17.93 -13.11 -29.00
N ARG A 204 -18.89 -12.20 -28.86
CA ARG A 204 -19.97 -12.06 -29.82
C ARG A 204 -19.49 -11.71 -31.24
N GLU A 205 -18.37 -11.00 -31.35
CA GLU A 205 -17.86 -10.60 -32.66
C GLU A 205 -16.98 -11.67 -33.30
N HIS A 206 -16.43 -12.56 -32.48
CA HIS A 206 -15.57 -13.62 -32.96
C HIS A 206 -16.01 -14.95 -32.36
N PRO A 207 -16.94 -15.64 -33.04
CA PRO A 207 -17.65 -16.81 -32.52
C PRO A 207 -16.74 -17.96 -32.10
N GLY A 208 -15.53 -18.01 -32.66
CA GLY A 208 -14.65 -19.13 -32.43
C GLY A 208 -13.80 -18.99 -31.18
N LEU A 209 -13.91 -17.86 -30.51
CA LEU A 209 -13.05 -17.58 -29.36
C LEU A 209 -13.60 -18.09 -28.03
N GLN A 210 -12.69 -18.46 -27.14
CA GLN A 210 -12.99 -18.75 -25.74
C GLN A 210 -12.50 -17.56 -24.95
N GLY A 211 -13.10 -17.30 -23.79
CA GLY A 211 -12.73 -16.13 -23.01
C GLY A 211 -12.60 -16.38 -21.52
N VAL A 212 -11.65 -15.68 -20.90
CA VAL A 212 -11.46 -15.76 -19.46
C VAL A 212 -11.47 -14.35 -18.87
N LEU A 213 -12.34 -14.12 -17.90
CA LEU A 213 -12.42 -12.83 -17.23
C LEU A 213 -11.66 -12.85 -15.91
N LEU A 214 -10.68 -11.96 -15.76
CA LEU A 214 -9.97 -11.81 -14.50
C LEU A 214 -10.17 -10.43 -13.90
N ASP A 215 -10.49 -10.38 -12.61
CA ASP A 215 -10.59 -9.13 -11.88
C ASP A 215 -10.72 -9.43 -10.39
N ARG A 216 -10.85 -8.40 -9.57
CA ARG A 216 -10.98 -8.59 -8.13
C ARG A 216 -12.25 -9.37 -7.84
N ALA A 217 -12.26 -10.08 -6.71
CA ALA A 217 -13.37 -10.96 -6.36
C ALA A 217 -14.72 -10.24 -6.35
N GLU A 218 -14.77 -9.10 -5.69
CA GLU A 218 -16.02 -8.35 -5.58
C GLU A 218 -16.53 -7.91 -6.95
N VAL A 219 -15.61 -7.72 -7.89
CA VAL A 219 -15.99 -7.28 -9.24
C VAL A 219 -16.53 -8.44 -10.09
N VAL A 220 -15.79 -9.54 -10.14
CA VAL A 220 -16.21 -10.71 -10.91
C VAL A 220 -17.52 -11.29 -10.38
N ALA A 221 -17.81 -11.04 -9.10
CA ALA A 221 -19.05 -11.52 -8.51
C ALA A 221 -20.26 -10.82 -9.14
N ARG A 222 -20.01 -9.68 -9.77
CA ARG A 222 -21.07 -8.92 -10.41
C ARG A 222 -20.93 -8.91 -11.94
N HIS A 223 -20.22 -9.88 -12.48
CA HIS A 223 -19.95 -9.92 -13.92
C HIS A 223 -21.22 -10.18 -14.72
N ARG A 224 -21.27 -9.67 -15.96
CA ARG A 224 -22.43 -9.83 -16.81
C ARG A 224 -22.14 -10.64 -18.08
N LEU A 225 -21.35 -11.71 -17.93
CA LEU A 225 -20.95 -12.54 -19.06
C LEU A 225 -21.95 -13.65 -19.37
N ASP A 226 -22.82 -13.95 -18.42
CA ASP A 226 -23.70 -15.10 -18.55
C ASP A 226 -24.91 -14.80 -19.42
N ALA A 227 -24.69 -14.73 -20.72
CA ALA A 227 -25.80 -14.60 -21.67
C ALA A 227 -25.88 -15.86 -22.53
N PRO A 228 -27.10 -16.28 -22.88
CA PRO A 228 -27.33 -17.52 -23.64
C PRO A 228 -26.49 -17.62 -24.91
N ASP A 229 -26.40 -16.53 -25.66
CA ASP A 229 -25.72 -16.55 -26.95
C ASP A 229 -24.22 -16.85 -26.87
N VAL A 230 -23.63 -16.76 -25.68
CA VAL A 230 -22.21 -17.06 -25.52
C VAL A 230 -22.00 -18.18 -24.52
N ALA A 231 -23.03 -18.98 -24.29
CA ALA A 231 -22.91 -20.14 -23.41
C ALA A 231 -21.81 -21.08 -23.91
N GLY A 232 -21.03 -21.60 -22.98
CA GLY A 232 -20.00 -22.58 -23.28
C GLY A 232 -18.69 -21.99 -23.76
N ARG A 233 -18.53 -20.68 -23.63
CA ARG A 233 -17.40 -19.99 -24.23
C ARG A 233 -16.60 -19.12 -23.25
N TRP A 234 -17.00 -19.09 -21.99
CA TRP A 234 -16.37 -18.20 -21.03
C TRP A 234 -16.27 -18.79 -19.63
N LYS A 235 -15.19 -18.43 -18.93
CA LYS A 235 -15.10 -18.68 -17.50
C LYS A 235 -14.60 -17.41 -16.81
N VAL A 236 -14.70 -17.37 -15.49
CA VAL A 236 -14.33 -16.17 -14.75
C VAL A 236 -13.39 -16.53 -13.60
N VAL A 237 -12.44 -15.64 -13.31
CA VAL A 237 -11.42 -15.92 -12.30
C VAL A 237 -11.18 -14.74 -11.38
N GLU A 238 -11.29 -14.97 -10.07
CA GLU A 238 -10.86 -14.00 -9.08
C GLU A 238 -9.34 -14.03 -9.06
N GLY A 239 -8.71 -12.86 -9.17
CA GLY A 239 -7.27 -12.80 -9.18
C GLY A 239 -6.67 -11.44 -8.90
N ASP A 240 -5.35 -11.37 -9.02
CA ASP A 240 -4.61 -10.13 -8.81
C ASP A 240 -3.53 -10.07 -9.88
N PHE A 241 -3.77 -9.28 -10.93
CA PHE A 241 -2.86 -9.27 -12.07
C PHE A 241 -1.47 -8.74 -11.71
N LEU A 242 -1.31 -8.23 -10.49
CA LEU A 242 0.00 -7.87 -9.98
C LEU A 242 0.84 -9.12 -9.69
N ARG A 243 0.15 -10.21 -9.38
CA ARG A 243 0.82 -11.46 -9.02
C ARG A 243 0.88 -12.47 -10.18
N GLU A 244 -0.21 -12.65 -10.89
CA GLU A 244 -0.23 -13.59 -12.00
C GLU A 244 -1.53 -13.52 -12.79
N VAL A 245 -1.46 -13.94 -14.05
CA VAL A 245 -2.63 -13.96 -14.93
C VAL A 245 -2.74 -15.33 -15.63
N PRO A 246 -3.93 -15.66 -16.15
CA PRO A 246 -4.15 -16.96 -16.80
C PRO A 246 -3.52 -17.04 -18.18
N HIS A 247 -3.20 -18.26 -18.62
N HIS A 247 -3.20 -18.27 -18.62
CA HIS A 247 -2.66 -18.47 -19.95
CA HIS A 247 -2.66 -18.49 -19.95
C HIS A 247 -3.71 -18.11 -21.00
C HIS A 247 -3.71 -18.16 -21.02
N ALA A 248 -3.27 -17.57 -22.12
CA ALA A 248 -4.17 -17.19 -23.20
C ALA A 248 -3.44 -17.02 -24.53
N ASP A 249 -4.15 -17.19 -25.63
CA ASP A 249 -3.57 -16.95 -26.93
C ASP A 249 -3.51 -15.44 -27.17
N VAL A 250 -4.37 -14.72 -26.47
CA VAL A 250 -4.43 -13.26 -26.54
C VAL A 250 -4.77 -12.65 -25.18
N HIS A 251 -3.88 -11.82 -24.66
CA HIS A 251 -4.15 -11.11 -23.42
C HIS A 251 -4.63 -9.68 -23.69
N VAL A 252 -5.57 -9.20 -22.89
CA VAL A 252 -6.10 -7.85 -23.05
C VAL A 252 -5.99 -7.03 -21.78
N LEU A 253 -5.44 -5.83 -21.91
CA LEU A 253 -5.34 -4.89 -20.80
C LEU A 253 -5.96 -3.55 -21.20
N LYS A 254 -7.24 -3.36 -20.89
CA LYS A 254 -7.94 -2.14 -21.27
C LYS A 254 -8.18 -1.25 -20.07
N ARG A 255 -7.75 0.01 -20.17
CA ARG A 255 -7.88 0.96 -19.08
C ARG A 255 -7.26 0.40 -17.80
N ILE A 256 -6.11 -0.26 -17.96
CA ILE A 256 -5.38 -0.80 -16.83
C ILE A 256 -4.11 0.01 -16.58
N LEU A 257 -3.19 -0.04 -17.53
CA LEU A 257 -1.86 0.55 -17.35
C LEU A 257 -1.91 2.02 -16.96
N HIS A 258 -2.94 2.73 -17.40
CA HIS A 258 -3.03 4.15 -17.15
C HIS A 258 -3.32 4.49 -15.68
N ASN A 259 -3.63 3.46 -14.89
CA ASN A 259 -3.84 3.64 -13.46
C ASN A 259 -2.56 3.38 -12.68
N TRP A 260 -1.60 2.73 -13.34
CA TRP A 260 -0.42 2.22 -12.63
C TRP A 260 0.85 2.99 -12.97
N GLY A 261 1.70 3.15 -11.96
CA GLY A 261 3.01 3.72 -12.15
C GLY A 261 3.79 2.87 -13.13
N ASP A 262 5.06 3.20 -13.33
CA ASP A 262 5.85 2.57 -14.38
C ASP A 262 6.24 1.12 -14.09
N GLU A 263 6.72 0.86 -12.88
CA GLU A 263 7.19 -0.48 -12.54
C GLU A 263 6.06 -1.49 -12.43
N ASP A 264 4.95 -1.09 -11.83
CA ASP A 264 3.78 -1.97 -11.74
C ASP A 264 3.37 -2.40 -13.13
N SER A 265 3.38 -1.47 -14.06
CA SER A 265 2.95 -1.75 -15.43
C SER A 265 3.82 -2.84 -16.05
N VAL A 266 5.13 -2.73 -15.88
CA VAL A 266 6.05 -3.77 -16.35
C VAL A 266 5.75 -5.08 -15.63
N ARG A 267 5.55 -4.99 -14.32
CA ARG A 267 5.21 -6.15 -13.50
C ARG A 267 3.98 -6.85 -14.07
N ILE A 268 3.00 -6.05 -14.48
CA ILE A 268 1.76 -6.57 -15.03
C ILE A 268 2.01 -7.18 -16.42
N LEU A 269 2.66 -6.42 -17.28
CA LEU A 269 3.01 -6.90 -18.62
C LEU A 269 3.85 -8.16 -18.54
N THR A 270 4.78 -8.20 -17.60
CA THR A 270 5.63 -9.36 -17.42
C THR A 270 4.80 -10.59 -17.09
N ASN A 271 3.80 -10.41 -16.23
CA ASN A 271 2.92 -11.52 -15.87
C ASN A 271 2.20 -12.09 -17.09
N CYS A 272 1.96 -11.24 -18.08
CA CYS A 272 1.33 -11.69 -19.32
C CYS A 272 2.34 -12.47 -20.17
N ARG A 273 3.53 -11.92 -20.33
CA ARG A 273 4.58 -12.55 -21.10
C ARG A 273 4.91 -13.94 -20.55
N ARG A 274 4.99 -14.04 -19.23
CA ARG A 274 5.28 -15.31 -18.56
C ARG A 274 4.36 -16.42 -19.03
N VAL A 275 3.06 -16.14 -19.11
CA VAL A 275 2.08 -17.15 -19.50
C VAL A 275 1.61 -16.97 -20.93
N PRO A 277 2.09 -17.70 -25.07
CA PRO A 277 2.60 -18.65 -26.06
C PRO A 277 3.49 -17.97 -27.09
N ALA A 278 4.14 -18.75 -27.95
CA ALA A 278 4.99 -18.20 -29.01
C ALA A 278 4.19 -17.29 -29.95
N HIS A 279 2.99 -17.74 -30.29
CA HIS A 279 2.13 -17.00 -31.22
C HIS A 279 1.24 -16.02 -30.46
N GLY A 280 1.46 -15.92 -29.15
CA GLY A 280 0.63 -15.08 -28.31
C GLY A 280 0.83 -13.59 -28.54
N ARG A 281 -0.05 -12.78 -27.97
CA ARG A 281 0.06 -11.33 -28.05
C ARG A 281 -0.69 -10.69 -26.88
N VAL A 282 -0.19 -9.54 -26.44
CA VAL A 282 -0.90 -8.76 -25.42
C VAL A 282 -1.37 -7.44 -26.02
N LEU A 283 -2.65 -7.14 -25.84
CA LEU A 283 -3.23 -5.90 -26.37
C LEU A 283 -3.45 -4.88 -25.26
N VAL A 284 -2.56 -3.89 -25.17
CA VAL A 284 -2.76 -2.79 -24.25
C VAL A 284 -3.66 -1.75 -24.90
N ILE A 285 -4.87 -1.61 -24.38
CA ILE A 285 -5.86 -0.72 -24.95
C ILE A 285 -6.12 0.50 -24.07
N ASP A 286 -5.64 1.66 -24.51
CA ASP A 286 -5.75 2.87 -23.73
C ASP A 286 -5.87 4.09 -24.62
N ALA A 287 -6.13 5.24 -24.02
CA ALA A 287 -6.11 6.50 -24.74
C ALA A 287 -4.65 6.90 -24.98
N VAL A 288 -4.00 6.22 -25.91
CA VAL A 288 -2.63 6.55 -26.29
C VAL A 288 -2.53 8.01 -26.74
N VAL A 289 -1.65 8.77 -26.11
CA VAL A 289 -1.48 10.17 -26.43
C VAL A 289 -0.57 10.36 -27.64
N PRO A 290 -1.09 11.00 -28.71
CA PRO A 290 -0.32 11.26 -29.92
C PRO A 290 0.68 12.38 -29.68
N GLU A 291 1.88 12.24 -30.24
CA GLU A 291 2.84 13.35 -30.22
C GLU A 291 2.23 14.47 -31.05
N GLY A 292 2.63 15.71 -30.78
CA GLY A 292 2.14 16.85 -31.52
C GLY A 292 1.29 17.81 -30.69
N ASN A 293 0.77 18.84 -31.34
CA ASN A 293 -0.03 19.87 -30.66
C ASN A 293 -1.50 19.87 -31.07
N ASP A 294 -1.95 18.80 -31.73
CA ASP A 294 -3.34 18.72 -32.20
C ASP A 294 -4.28 18.15 -31.14
N ALA A 295 -5.54 18.56 -31.21
CA ALA A 295 -6.55 18.11 -30.26
C ALA A 295 -6.68 16.60 -30.26
N HIS A 296 -6.84 16.03 -29.07
CA HIS A 296 -7.09 14.61 -28.91
C HIS A 296 -7.55 14.36 -27.48
N GLN A 297 -8.66 13.62 -27.34
CA GLN A 297 -9.28 13.45 -26.03
C GLN A 297 -8.35 12.78 -25.01
N SER A 298 -7.36 12.03 -25.50
CA SER A 298 -6.43 11.36 -24.59
C SER A 298 -5.70 12.39 -23.74
N LYS A 299 -5.55 13.61 -24.27
CA LYS A 299 -4.83 14.66 -23.58
C LYS A 299 -5.65 15.24 -22.44
N GLU A 300 -6.95 15.36 -22.68
CA GLU A 300 -7.87 15.88 -21.67
C GLU A 300 -8.07 14.86 -20.56
N ASP A 302 -5.87 12.73 -19.75
CA ASP A 302 -4.59 12.76 -19.05
C ASP A 302 -4.57 13.87 -18.02
N PHE A 303 -5.07 15.03 -18.40
CA PHE A 303 -5.14 16.18 -17.49
C PHE A 303 -5.99 15.85 -16.27
N LEU A 306 -4.26 13.83 -13.93
CA LEU A 306 -3.31 14.71 -13.29
C LEU A 306 -4.03 15.39 -12.12
N ALA A 307 -5.20 15.95 -12.39
CA ALA A 307 -5.95 16.67 -11.39
C ALA A 307 -6.31 15.78 -10.20
N ALA A 308 -6.72 14.55 -10.49
CA ALA A 308 -7.12 13.60 -9.46
C ALA A 308 -5.89 12.96 -8.82
N ARG A 309 -4.71 13.40 -9.24
CA ARG A 309 -3.45 12.93 -8.68
C ARG A 309 -3.31 11.41 -8.75
N THR A 310 -4.07 10.78 -9.64
CA THR A 310 -4.00 9.32 -9.76
C THR A 310 -4.10 8.82 -11.20
N GLY A 311 -2.96 8.46 -11.77
CA GLY A 311 -2.92 7.89 -13.10
C GLY A 311 -2.34 8.81 -14.15
N GLN A 312 -1.96 8.24 -15.29
CA GLN A 312 -1.43 9.01 -16.41
C GLN A 312 -1.64 8.28 -17.72
N GLU A 313 -1.95 9.04 -18.77
CA GLU A 313 -2.06 8.48 -20.11
C GLU A 313 -0.70 8.56 -20.79
N ARG A 314 -0.36 7.55 -21.59
CA ARG A 314 0.98 7.46 -22.19
C ARG A 314 0.98 7.59 -23.70
N THR A 315 2.15 7.90 -24.25
CA THR A 315 2.32 7.96 -25.69
C THR A 315 2.91 6.65 -26.20
N ALA A 316 2.96 6.48 -27.52
CA ALA A 316 3.49 5.26 -28.10
C ALA A 316 4.95 5.04 -27.69
N ALA A 317 5.74 6.12 -27.73
CA ALA A 317 7.15 6.04 -27.40
C ALA A 317 7.38 5.78 -25.91
N GLU A 318 6.39 6.13 -25.09
CA GLU A 318 6.49 5.92 -23.65
C GLU A 318 6.13 4.49 -23.26
N LEU A 319 5.24 3.87 -24.04
CA LEU A 319 4.84 2.50 -23.79
C LEU A 319 5.96 1.53 -24.14
N GLU A 320 6.69 1.86 -25.19
CA GLU A 320 7.73 0.99 -25.73
C GLU A 320 8.69 0.46 -24.65
N PRO A 321 9.26 1.35 -23.82
CA PRO A 321 10.22 0.91 -22.81
C PRO A 321 9.64 -0.16 -21.90
N LEU A 322 8.33 -0.09 -21.66
CA LEU A 322 7.67 -1.00 -20.73
C LEU A 322 7.49 -2.38 -21.34
N PHE A 323 7.17 -2.42 -22.63
CA PHE A 323 7.07 -3.67 -23.36
C PHE A 323 8.43 -4.38 -23.41
N THR A 324 9.45 -3.64 -23.81
CA THR A 324 10.80 -4.19 -23.89
C THR A 324 11.23 -4.78 -22.56
N ALA A 325 10.92 -4.06 -21.47
CA ALA A 325 11.28 -4.50 -20.13
C ALA A 325 10.51 -5.74 -19.70
N ALA A 326 9.41 -6.04 -20.38
CA ALA A 326 8.58 -7.18 -20.03
C ALA A 326 8.88 -8.39 -20.92
N GLY A 327 9.87 -8.26 -21.79
CA GLY A 327 10.21 -9.33 -22.72
C GLY A 327 9.30 -9.31 -23.94
N LEU A 328 8.71 -8.16 -24.20
CA LEU A 328 7.82 -7.97 -25.34
C LEU A 328 8.38 -6.94 -26.31
N ARG A 329 7.85 -6.93 -27.54
CA ARG A 329 8.17 -5.90 -28.50
C ARG A 329 6.88 -5.21 -28.95
N LEU A 330 6.79 -3.90 -28.69
CA LEU A 330 5.66 -3.12 -29.16
C LEU A 330 5.69 -3.14 -30.69
N ASP A 331 4.92 -4.06 -31.27
CA ASP A 331 4.93 -4.27 -32.72
C ASP A 331 4.29 -3.12 -33.47
N ARG A 332 3.20 -2.59 -32.92
CA ARG A 332 2.48 -1.50 -33.58
C ARG A 332 1.37 -0.98 -32.70
N VAL A 333 1.06 0.30 -32.86
CA VAL A 333 -0.11 0.88 -32.22
C VAL A 333 -1.19 1.08 -33.26
N VAL A 334 -2.41 0.66 -32.93
CA VAL A 334 -3.50 0.70 -33.88
C VAL A 334 -4.58 1.67 -33.43
N GLY A 335 -4.70 2.79 -34.13
CA GLY A 335 -5.71 3.78 -33.85
C GLY A 335 -7.10 3.28 -34.26
N THR A 336 -8.13 3.84 -33.63
CA THR A 336 -9.50 3.47 -33.96
C THR A 336 -10.33 4.72 -34.18
N SER A 337 -11.64 4.54 -34.37
CA SER A 337 -12.55 5.67 -34.49
C SER A 337 -12.93 6.22 -33.11
N SER A 338 -12.29 5.69 -32.07
CA SER A 338 -12.48 6.19 -30.72
C SER A 338 -11.17 6.73 -30.16
N VAL A 339 -11.25 7.37 -29.00
CA VAL A 339 -10.06 7.91 -28.34
C VAL A 339 -9.10 6.77 -27.97
N SER A 341 -6.77 3.39 -28.43
CA SER A 341 -5.92 2.71 -29.40
C SER A 341 -5.40 1.41 -28.82
N ILE A 342 -4.89 0.55 -29.70
CA ILE A 342 -4.45 -0.77 -29.30
C ILE A 342 -2.95 -0.95 -29.51
N ALA A 343 -2.19 -0.88 -28.44
CA ALA A 343 -0.76 -1.18 -28.49
C ALA A 343 -0.56 -2.69 -28.46
N VAL A 344 -0.01 -3.24 -29.55
CA VAL A 344 0.12 -4.68 -29.70
C VAL A 344 1.53 -5.16 -29.37
N GLY A 345 1.67 -5.93 -28.31
CA GLY A 345 2.96 -6.46 -27.90
C GLY A 345 3.09 -7.95 -28.14
N VAL A 346 4.24 -8.34 -28.69
CA VAL A 346 4.52 -9.75 -28.96
C VAL A 346 5.80 -10.18 -28.26
N PRO A 347 5.98 -11.49 -28.05
CA PRO A 347 7.19 -12.04 -27.42
C PRO A 347 8.45 -11.63 -28.17
N ALA A 348 9.45 -11.11 -27.46
CA ALA A 348 10.70 -10.68 -28.08
C ALA A 348 11.87 -11.49 -27.55
N ASP B 16 49.59 -7.70 14.80
CA ASP B 16 50.83 -7.72 15.56
C ASP B 16 51.01 -9.03 16.32
N ASP B 18 51.30 -12.74 17.22
CA ASP B 18 51.67 -13.89 16.41
C ASP B 18 50.57 -14.95 16.42
N ARG B 19 50.77 -16.02 15.65
CA ARG B 19 49.77 -17.08 15.52
C ARG B 19 49.35 -17.68 16.87
N LEU B 20 50.32 -17.94 17.73
CA LEU B 20 50.02 -18.55 19.03
C LEU B 20 49.12 -17.66 19.90
N GLN B 21 49.41 -16.36 19.96
CA GLN B 21 48.54 -15.44 20.67
C GLN B 21 47.15 -15.46 20.05
N SER B 22 47.12 -15.44 18.72
CA SER B 22 45.86 -15.46 17.99
C SER B 22 45.00 -16.63 18.47
N ALA B 23 45.61 -17.81 18.55
CA ALA B 23 44.89 -19.00 18.99
C ALA B 23 44.34 -18.80 20.39
N LEU B 24 45.17 -18.29 21.29
CA LEU B 24 44.73 -18.06 22.66
C LEU B 24 43.58 -17.04 22.69
N ALA B 25 43.72 -15.98 21.91
CA ALA B 25 42.69 -14.95 21.85
C ALA B 25 41.35 -15.54 21.43
N LEU B 26 41.40 -16.44 20.46
CA LEU B 26 40.21 -17.06 19.90
C LEU B 26 39.56 -18.05 20.86
N TYR B 27 40.39 -18.78 21.61
CA TYR B 27 39.89 -19.67 22.65
C TYR B 27 39.11 -18.87 23.69
N GLU B 28 39.58 -17.66 23.97
CA GLU B 28 38.89 -16.78 24.90
C GLU B 28 37.55 -16.34 24.30
N GLU B 29 37.55 -15.91 23.05
CA GLU B 29 36.32 -15.57 22.34
C GLU B 29 35.33 -16.73 22.36
N ALA B 30 35.86 -17.94 22.21
CA ALA B 30 35.02 -19.13 22.13
C ALA B 30 34.21 -19.35 23.41
N GLY B 32 32.96 -16.96 25.14
CA GLY B 32 32.22 -15.73 25.35
C GLY B 32 30.77 -15.92 25.76
N TYR B 33 30.21 -17.09 25.45
CA TYR B 33 28.82 -17.37 25.74
C TYR B 33 28.56 -17.52 27.25
N THR B 34 29.64 -17.73 28.02
CA THR B 34 29.49 -17.96 29.44
C THR B 34 28.81 -16.81 30.19
N TYR B 35 29.06 -15.59 29.74
CA TYR B 35 28.43 -14.43 30.35
C TYR B 35 26.90 -14.50 30.26
N ALA B 36 26.40 -14.77 29.06
CA ALA B 36 24.96 -14.94 28.88
C ALA B 36 24.42 -16.09 29.71
N ALA B 37 25.20 -17.17 29.79
CA ALA B 37 24.80 -18.34 30.57
C ALA B 37 24.70 -17.98 32.05
N ALA B 38 25.63 -17.15 32.53
CA ALA B 38 25.60 -16.68 33.90
C ALA B 38 24.39 -15.79 34.14
N LEU B 39 24.14 -14.86 33.23
CA LEU B 39 23.01 -13.95 33.34
C LEU B 39 21.71 -14.73 33.42
N ARG B 40 21.53 -15.68 32.50
CA ARG B 40 20.35 -16.53 32.49
C ARG B 40 20.14 -17.18 33.85
N ALA B 41 21.20 -17.74 34.41
CA ALA B 41 21.10 -18.41 35.71
C ALA B 41 20.73 -17.46 36.84
N ALA B 42 21.35 -16.29 36.87
CA ALA B 42 21.08 -15.31 37.93
C ALA B 42 19.65 -14.80 37.86
N ALA B 43 19.19 -14.49 36.65
CA ALA B 43 17.81 -14.11 36.44
C ALA B 43 16.86 -15.23 36.88
N ALA B 44 17.22 -16.46 36.55
CA ALA B 44 16.37 -17.61 36.84
C ALA B 44 16.15 -17.81 38.34
N VAL B 45 17.22 -17.76 39.13
CA VAL B 45 17.13 -17.97 40.57
C VAL B 45 16.69 -16.70 41.30
N GLY B 46 16.63 -15.60 40.56
CA GLY B 46 16.17 -14.34 41.10
C GLY B 46 16.98 -13.85 42.29
N VAL B 47 18.29 -13.76 42.09
CA VAL B 47 19.17 -13.33 43.18
C VAL B 47 19.04 -11.84 43.47
N ALA B 48 18.92 -11.04 42.41
CA ALA B 48 18.88 -9.58 42.55
C ALA B 48 17.83 -9.07 43.53
N ASP B 49 16.74 -9.81 43.67
CA ASP B 49 15.68 -9.43 44.60
C ASP B 49 16.18 -9.33 46.03
N HIS B 50 17.32 -9.96 46.30
CA HIS B 50 17.85 -10.01 47.65
C HIS B 50 19.02 -9.05 47.85
N LEU B 51 19.30 -8.27 46.80
CA LEU B 51 20.33 -7.25 46.87
C LEU B 51 19.72 -5.86 47.00
N VAL B 52 18.39 -5.80 46.98
CA VAL B 52 17.69 -4.53 47.08
C VAL B 52 17.93 -3.88 48.44
N ASP B 53 18.25 -4.71 49.44
CA ASP B 53 18.44 -4.22 50.79
C ASP B 53 19.91 -3.89 51.09
N GLY B 54 20.75 -4.04 50.09
CA GLY B 54 22.17 -3.74 50.23
C GLY B 54 23.05 -4.92 49.84
N PRO B 55 24.37 -4.71 49.85
CA PRO B 55 25.35 -5.74 49.47
C PRO B 55 25.24 -6.97 50.37
N ARG B 56 25.31 -8.15 49.77
CA ARG B 56 25.23 -9.39 50.54
C ARG B 56 26.40 -10.30 50.21
N THR B 57 26.67 -11.27 51.09
CA THR B 57 27.69 -12.27 50.82
C THR B 57 27.09 -13.37 49.96
N PRO B 58 27.94 -14.11 49.24
CA PRO B 58 27.46 -15.27 48.48
C PRO B 58 26.68 -16.23 49.37
N ALA B 59 27.12 -16.39 50.61
CA ALA B 59 26.48 -17.30 51.55
C ALA B 59 25.04 -16.89 51.85
N GLU B 60 24.83 -15.62 52.15
CA GLU B 60 23.49 -15.16 52.46
C GLU B 60 22.60 -15.04 51.22
N LEU B 61 23.20 -14.74 50.08
CA LEU B 61 22.47 -14.76 48.83
C LEU B 61 22.05 -16.19 48.50
N ALA B 62 22.97 -17.12 48.72
CA ALA B 62 22.69 -18.54 48.50
C ALA B 62 21.53 -19.00 49.37
N ALA B 63 21.50 -18.51 50.61
CA ALA B 63 20.42 -18.85 51.54
C ALA B 63 19.08 -18.30 51.05
N ALA B 64 19.06 -17.03 50.66
CA ALA B 64 17.82 -16.39 50.24
C ALA B 64 17.26 -17.02 48.97
N THR B 65 18.15 -17.53 48.12
CA THR B 65 17.74 -18.12 46.85
C THR B 65 17.70 -19.64 46.87
N GLY B 66 18.07 -20.23 48.01
CA GLY B 66 18.11 -21.68 48.13
C GLY B 66 19.07 -22.34 47.16
N THR B 67 20.29 -21.80 47.08
CA THR B 67 21.30 -22.34 46.18
C THR B 67 22.60 -22.58 46.92
N ASP B 68 23.57 -23.17 46.22
CA ASP B 68 24.89 -23.44 46.78
C ASP B 68 25.76 -22.19 46.75
N ALA B 69 26.25 -21.77 47.90
CA ALA B 69 27.04 -20.55 48.00
C ALA B 69 28.24 -20.57 47.07
N ASP B 70 29.04 -21.63 47.16
CA ASP B 70 30.26 -21.75 46.34
C ASP B 70 29.97 -21.56 44.86
N ALA B 71 28.90 -22.19 44.37
CA ALA B 71 28.53 -22.12 42.97
C ALA B 71 28.01 -20.73 42.60
N LEU B 72 27.15 -20.19 43.46
CA LEU B 72 26.57 -18.88 43.24
C LEU B 72 27.66 -17.81 43.12
N ARG B 73 28.69 -17.91 43.95
CA ARG B 73 29.78 -16.93 43.92
C ARG B 73 30.47 -16.94 42.55
N ARG B 74 30.69 -18.13 42.01
CA ARG B 74 31.33 -18.27 40.71
C ARG B 74 30.48 -17.62 39.60
N VAL B 75 29.16 -17.80 39.70
CA VAL B 75 28.25 -17.18 38.75
C VAL B 75 28.31 -15.66 38.85
N LEU B 76 28.23 -15.15 40.07
CA LEU B 76 28.20 -13.72 40.33
C LEU B 76 29.49 -13.03 39.87
N ARG B 77 30.61 -13.70 40.09
CA ARG B 77 31.91 -13.14 39.77
C ARG B 77 32.03 -12.87 38.27
N LEU B 78 31.45 -13.79 37.49
CA LEU B 78 31.44 -13.64 36.04
C LEU B 78 30.51 -12.50 35.63
N LEU B 79 29.35 -12.41 36.29
CA LEU B 79 28.44 -11.31 36.04
C LEU B 79 29.03 -9.97 36.47
N ALA B 80 29.95 -10.02 37.43
CA ALA B 80 30.57 -8.79 37.89
C ALA B 80 31.39 -8.15 36.78
N VAL B 81 31.99 -9.00 35.93
CA VAL B 81 32.78 -8.51 34.81
C VAL B 81 31.95 -7.62 33.90
N ARG B 82 30.69 -7.98 33.71
CA ARG B 82 29.79 -7.22 32.84
C ARG B 82 29.06 -6.11 33.59
N ASP B 83 29.51 -5.81 34.80
CA ASP B 83 28.94 -4.73 35.59
C ASP B 83 27.43 -4.92 35.86
N VAL B 84 27.01 -6.17 35.98
CA VAL B 84 25.65 -6.47 36.39
C VAL B 84 25.60 -6.41 37.91
N VAL B 85 26.66 -6.90 38.55
CA VAL B 85 26.86 -6.75 39.98
C VAL B 85 28.29 -6.29 40.22
N ARG B 86 28.61 -5.97 41.48
CA ARG B 86 29.95 -5.55 41.82
C ARG B 86 30.39 -6.11 43.16
N GLU B 87 31.54 -6.78 43.18
CA GLU B 87 32.08 -7.34 44.41
C GLU B 87 33.00 -6.35 45.11
N SER B 88 32.88 -6.28 46.43
CA SER B 88 33.77 -5.49 47.26
C SER B 88 33.74 -6.05 48.68
N ASP B 89 34.92 -6.35 49.22
CA ASP B 89 35.02 -6.94 50.55
C ASP B 89 34.19 -8.21 50.67
N GLY B 90 34.32 -9.09 49.69
CA GLY B 90 33.63 -10.37 49.69
C GLY B 90 32.12 -10.25 49.66
N ARG B 91 31.64 -9.07 49.25
CA ARG B 91 30.21 -8.86 49.14
C ARG B 91 29.84 -8.35 47.74
N PHE B 92 28.70 -8.80 47.24
CA PHE B 92 28.23 -8.37 45.94
C PHE B 92 27.08 -7.39 46.08
N ALA B 93 27.09 -6.36 45.24
CA ALA B 93 26.02 -5.39 45.19
C ALA B 93 25.41 -5.37 43.79
N LEU B 94 24.15 -4.94 43.70
CA LEU B 94 23.50 -4.76 42.42
C LEU B 94 23.82 -3.38 41.86
N THR B 95 24.13 -3.31 40.57
CA THR B 95 24.50 -2.05 39.93
C THR B 95 23.28 -1.44 39.24
N ASP B 96 23.45 -0.26 38.64
CA ASP B 96 22.40 0.35 37.84
C ASP B 96 22.02 -0.56 36.68
N LYS B 97 23.04 -1.04 35.97
CA LYS B 97 22.83 -1.88 34.81
C LYS B 97 22.07 -3.16 35.17
N GLY B 98 22.31 -3.69 36.37
CA GLY B 98 21.67 -4.92 36.79
C GLY B 98 20.34 -4.72 37.50
N ALA B 99 19.91 -3.47 37.64
CA ALA B 99 18.73 -3.13 38.44
C ALA B 99 17.43 -3.77 37.94
N ALA B 100 17.27 -3.85 36.63
CA ALA B 100 16.05 -4.40 36.04
C ALA B 100 15.87 -5.88 36.34
N LEU B 101 16.90 -6.50 36.90
CA LEU B 101 16.77 -7.86 37.40
C LEU B 101 15.79 -7.91 38.57
N ARG B 102 15.56 -6.76 39.19
CA ARG B 102 14.63 -6.66 40.31
C ARG B 102 13.19 -6.87 39.85
N SER B 103 12.45 -7.66 40.60
CA SER B 103 11.04 -7.93 40.30
C SER B 103 10.19 -6.67 40.38
N ASP B 104 10.61 -5.70 41.19
CA ASP B 104 9.85 -4.47 41.38
C ASP B 104 10.10 -3.44 40.29
N SER B 105 10.82 -3.84 39.24
CA SER B 105 11.07 -2.96 38.11
C SER B 105 9.77 -2.67 37.37
N PRO B 106 9.65 -1.46 36.80
CA PRO B 106 8.53 -1.17 35.89
C PRO B 106 8.45 -2.27 34.84
N VAL B 107 9.60 -2.58 34.23
CA VAL B 107 9.71 -3.70 33.32
C VAL B 107 10.86 -4.60 33.74
N PRO B 108 10.57 -5.64 34.55
CA PRO B 108 11.57 -6.61 34.98
C PRO B 108 12.13 -7.35 33.78
N ALA B 109 13.45 -7.44 33.69
CA ALA B 109 14.11 -7.99 32.51
C ALA B 109 14.10 -9.51 32.47
N ARG B 110 13.67 -10.13 33.57
CA ARG B 110 13.78 -11.58 33.73
C ARG B 110 13.18 -12.34 32.56
N ALA B 111 11.98 -11.95 32.14
CA ALA B 111 11.30 -12.63 31.05
C ALA B 111 12.11 -12.58 29.75
N GLY B 112 12.49 -11.38 29.33
CA GLY B 112 13.26 -11.19 28.12
C GLY B 112 14.59 -11.92 28.15
N ILE B 113 15.24 -11.90 29.30
CA ILE B 113 16.52 -12.59 29.47
C ILE B 113 16.36 -14.09 29.25
N LEU B 114 15.36 -14.68 29.90
CA LEU B 114 15.14 -16.11 29.81
C LEU B 114 14.67 -16.53 28.43
N PHE B 116 15.39 -14.75 25.38
CA PHE B 116 16.50 -14.59 24.45
C PHE B 116 17.55 -15.68 24.62
N THR B 117 17.57 -16.31 25.79
CA THR B 117 18.50 -17.40 26.05
C THR B 117 17.80 -18.75 26.13
N ASP B 118 16.56 -18.80 25.66
CA ASP B 118 15.78 -20.03 25.70
C ASP B 118 16.38 -21.13 24.83
N THR B 119 15.97 -22.36 25.09
CA THR B 119 16.46 -23.53 24.37
C THR B 119 16.48 -23.33 22.86
N PHE B 121 16.56 -20.62 20.90
CA PHE B 121 17.56 -19.66 20.42
C PHE B 121 18.97 -20.14 20.71
N TRP B 122 19.15 -20.72 21.89
CA TRP B 122 20.44 -21.23 22.32
C TRP B 122 20.89 -22.35 21.38
N THR B 123 19.95 -23.22 21.02
CA THR B 123 20.26 -24.37 20.17
C THR B 123 20.49 -23.97 18.71
N SER B 125 21.40 -21.12 17.41
CA SER B 125 22.66 -20.41 17.25
C SER B 125 23.80 -21.43 17.18
N HIS B 126 23.76 -22.43 18.06
CA HIS B 126 24.78 -23.46 18.10
C HIS B 126 24.85 -24.24 16.79
N ARG B 127 23.77 -24.23 16.03
CA ARG B 127 23.69 -24.99 14.79
C ARG B 127 23.76 -24.12 13.54
N VAL B 128 24.26 -22.90 13.69
CA VAL B 128 24.33 -21.97 12.57
C VAL B 128 25.17 -22.50 11.41
N ALA B 129 26.17 -23.33 11.73
CA ALA B 129 26.98 -23.96 10.70
C ALA B 129 26.10 -24.75 9.73
N SER B 130 25.23 -25.60 10.28
CA SER B 130 24.35 -26.43 9.47
C SER B 130 23.34 -25.58 8.71
N ALA B 131 23.15 -24.35 9.16
CA ALA B 131 22.17 -23.45 8.55
C ALA B 131 22.80 -22.54 7.50
N LEU B 132 24.07 -22.77 7.19
CA LEU B 132 24.78 -21.93 6.23
C LEU B 132 24.76 -22.52 4.82
N GLY B 133 24.21 -23.72 4.69
CA GLY B 133 24.16 -24.40 3.41
C GLY B 133 23.49 -23.57 2.33
N PRO B 134 23.90 -23.78 1.07
CA PRO B 134 23.37 -23.05 -0.08
C PRO B 134 21.87 -23.26 -0.26
N GLU B 135 21.39 -24.42 0.18
CA GLU B 135 19.97 -24.78 0.03
C GLU B 135 19.08 -24.05 1.03
N ARG B 136 19.70 -23.35 1.97
CA ARG B 136 18.95 -22.59 2.97
C ARG B 136 17.97 -23.47 3.74
N PRO B 137 18.47 -24.26 4.70
CA PRO B 137 17.64 -25.19 5.47
C PRO B 137 16.59 -24.46 6.30
N ALA B 138 15.39 -25.03 6.36
CA ALA B 138 14.30 -24.43 7.13
C ALA B 138 14.43 -24.75 8.61
N PHE B 139 13.68 -24.01 9.43
CA PHE B 139 13.73 -24.17 10.88
C PHE B 139 13.61 -25.63 11.30
N ALA B 140 12.63 -26.33 10.74
CA ALA B 140 12.38 -27.73 11.09
C ALA B 140 13.51 -28.64 10.61
N ASP B 141 14.16 -28.26 9.53
CA ASP B 141 15.26 -29.05 8.97
C ASP B 141 16.43 -29.10 9.94
N ILE B 142 16.40 -28.21 10.93
CA ILE B 142 17.56 -28.00 11.78
C ILE B 142 17.27 -28.26 13.26
N PHE B 143 16.07 -27.92 13.71
CA PHE B 143 15.77 -27.93 15.14
C PHE B 143 15.83 -29.27 15.88
N GLY B 144 15.29 -30.34 15.31
CA GLY B 144 14.56 -30.28 14.07
C GLY B 144 13.11 -30.61 14.30
N SER B 145 12.29 -29.60 14.15
CA SER B 145 10.84 -29.73 14.17
C SER B 145 10.24 -28.34 13.98
N SER B 146 9.03 -28.26 13.44
CA SER B 146 8.39 -26.98 13.20
C SER B 146 8.39 -26.16 14.49
N LEU B 147 8.54 -24.85 14.36
CA LEU B 147 8.54 -23.96 15.51
C LEU B 147 7.21 -24.04 16.25
N ASP B 148 6.12 -24.11 15.48
CA ASP B 148 4.79 -24.23 16.06
C ASP B 148 4.69 -25.48 16.92
N ALA B 149 5.32 -26.57 16.47
CA ALA B 149 5.32 -27.82 17.22
C ALA B 149 6.09 -27.66 18.52
N TYR B 150 7.03 -26.72 18.54
CA TYR B 150 7.82 -26.46 19.74
C TYR B 150 6.94 -25.85 20.84
N PHE B 151 6.02 -24.98 20.44
CA PHE B 151 5.16 -24.30 21.41
C PHE B 151 3.98 -25.16 21.85
N ASP B 152 3.53 -26.04 20.96
CA ASP B 152 2.41 -26.93 21.26
C ASP B 152 2.84 -28.08 22.17
N GLY B 153 4.13 -28.42 22.12
CA GLY B 153 4.67 -29.47 22.96
C GLY B 153 4.88 -28.99 24.38
N ASP B 154 5.27 -27.73 24.54
CA ASP B 154 5.49 -27.13 25.85
C ASP B 154 4.74 -25.81 25.96
N ALA B 155 3.56 -25.85 26.56
CA ALA B 155 2.73 -24.66 26.71
C ALA B 155 3.39 -23.64 27.65
N GLU B 156 4.39 -24.10 28.40
CA GLU B 156 5.07 -23.24 29.34
C GLU B 156 6.03 -22.26 28.64
N VAL B 157 6.76 -22.76 27.65
CA VAL B 157 7.66 -21.90 26.91
C VAL B 157 6.87 -20.89 26.10
N GLU B 158 5.67 -21.28 25.69
CA GLU B 158 4.79 -20.40 24.94
C GLU B 158 4.45 -19.17 25.79
N ALA B 159 4.17 -19.40 27.07
CA ALA B 159 3.87 -18.33 27.99
C ALA B 159 5.08 -17.42 28.20
N LEU B 160 6.28 -17.98 28.07
CA LEU B 160 7.50 -17.21 28.26
C LEU B 160 7.74 -16.25 27.11
N TYR B 161 7.70 -16.75 25.88
CA TYR B 161 7.88 -15.90 24.71
C TYR B 161 6.86 -14.78 24.65
N TYR B 162 5.62 -15.08 25.04
CA TYR B 162 4.59 -14.06 25.07
C TYR B 162 4.94 -12.98 26.09
N GLU B 163 5.26 -13.41 27.31
CA GLU B 163 5.64 -12.48 28.36
C GLU B 163 6.89 -11.70 27.95
N GLY B 164 7.84 -12.41 27.36
CA GLY B 164 9.09 -11.81 26.93
C GLY B 164 8.92 -10.74 25.88
N GLU B 166 6.21 -9.12 25.20
CA GLU B 166 5.45 -8.04 25.81
C GLU B 166 6.36 -7.12 26.61
N THR B 167 7.14 -7.70 27.50
CA THR B 167 8.03 -6.94 28.37
C THR B 167 9.08 -6.16 27.58
N VAL B 168 9.73 -6.84 26.65
CA VAL B 168 10.79 -6.23 25.85
C VAL B 168 10.27 -5.01 25.08
N SER B 169 9.15 -5.19 24.38
CA SER B 169 8.52 -4.09 23.64
C SER B 169 8.24 -2.92 24.55
N ALA B 170 7.66 -3.22 25.71
CA ALA B 170 7.31 -2.20 26.69
C ALA B 170 8.53 -1.39 27.11
N ALA B 171 9.70 -2.04 27.15
CA ALA B 171 10.93 -1.38 27.55
C ALA B 171 11.37 -0.32 26.56
N GLU B 172 11.01 -0.50 25.29
CA GLU B 172 11.41 0.43 24.24
C GLU B 172 10.39 1.53 23.99
N HIS B 173 9.13 1.25 24.29
CA HIS B 173 8.03 2.13 23.87
C HIS B 173 8.24 3.62 24.14
N LEU B 174 8.51 3.98 25.39
CA LEU B 174 8.67 5.39 25.74
C LEU B 174 9.82 6.04 24.96
N ILE B 175 10.93 5.31 24.87
CA ILE B 175 12.09 5.80 24.15
C ILE B 175 11.77 6.08 22.69
N LEU B 176 11.07 5.15 22.06
CA LEU B 176 10.67 5.30 20.67
C LEU B 176 9.63 6.41 20.49
N ALA B 177 8.64 6.45 21.38
CA ALA B 177 7.60 7.47 21.29
C ALA B 177 8.20 8.86 21.29
N ARG B 178 9.26 9.06 22.06
CA ARG B 178 9.91 10.36 22.12
C ARG B 178 10.83 10.61 20.94
N ALA B 179 11.57 9.57 20.54
CA ALA B 179 12.50 9.69 19.44
C ALA B 179 11.76 9.90 18.14
N GLY B 180 10.49 9.51 18.12
CA GLY B 180 9.66 9.58 16.93
C GLY B 180 9.31 11.00 16.56
N ASP B 181 9.36 11.90 17.55
CA ASP B 181 9.10 13.31 17.32
C ASP B 181 7.72 13.54 16.69
N PHE B 182 6.70 12.97 17.31
CA PHE B 182 5.35 13.03 16.78
C PHE B 182 4.72 14.42 16.92
N PRO B 183 3.80 14.75 16.01
CA PRO B 183 3.09 16.04 16.03
C PRO B 183 2.14 16.11 17.22
N ALA B 184 1.78 17.31 17.63
CA ALA B 184 0.87 17.49 18.75
C ALA B 184 -0.54 17.00 18.41
N THR B 185 -0.94 17.21 17.16
CA THR B 185 -2.27 16.83 16.70
C THR B 185 -2.15 16.08 15.38
N GLY B 186 -3.29 15.69 14.82
CA GLY B 186 -3.30 14.90 13.59
C GLY B 186 -3.53 13.42 13.85
N THR B 187 -3.16 12.59 12.88
CA THR B 187 -3.40 11.16 12.95
C THR B 187 -2.12 10.35 12.74
N VAL B 188 -1.87 9.40 13.63
CA VAL B 188 -0.77 8.46 13.47
C VAL B 188 -1.33 7.09 13.14
N ALA B 189 -0.85 6.49 12.06
CA ALA B 189 -1.28 5.15 11.71
C ALA B 189 -0.18 4.14 12.01
N ASP B 190 -0.45 3.22 12.93
CA ASP B 190 0.51 2.16 13.21
C ASP B 190 0.21 0.97 12.33
N VAL B 191 0.92 0.87 11.22
CA VAL B 191 0.70 -0.19 10.25
C VAL B 191 1.36 -1.50 10.70
N GLY B 192 0.53 -2.51 10.96
CA GLY B 192 1.02 -3.75 11.55
C GLY B 192 1.44 -3.51 12.99
N GLY B 193 0.66 -2.70 13.70
CA GLY B 193 1.00 -2.26 15.03
C GLY B 193 0.64 -3.24 16.13
N GLY B 194 0.32 -4.47 15.74
CA GLY B 194 0.01 -5.52 16.70
C GLY B 194 -1.24 -5.25 17.50
N ARG B 195 -1.14 -5.33 18.83
CA ARG B 195 -2.28 -5.06 19.71
C ARG B 195 -2.42 -3.59 20.03
N GLY B 196 -1.48 -2.78 19.55
CA GLY B 196 -1.57 -1.33 19.71
C GLY B 196 -0.81 -0.78 20.90
N GLY B 197 0.02 -1.62 21.51
CA GLY B 197 0.83 -1.21 22.64
C GLY B 197 1.66 0.04 22.40
N PHE B 198 2.36 0.09 21.27
CA PHE B 198 3.17 1.26 20.95
C PHE B 198 2.29 2.47 20.67
N LEU B 199 1.24 2.26 19.88
CA LEU B 199 0.33 3.36 19.53
C LEU B 199 -0.28 3.97 20.79
N LEU B 200 -0.57 3.13 21.77
CA LEU B 200 -1.08 3.57 23.07
C LEU B 200 -0.10 4.54 23.73
N THR B 201 1.15 4.12 23.85
CA THR B 201 2.19 4.96 24.43
C THR B 201 2.28 6.30 23.70
N VAL B 202 2.28 6.24 22.38
CA VAL B 202 2.34 7.47 21.58
C VAL B 202 1.16 8.41 21.89
N LEU B 203 -0.05 7.87 21.95
CA LEU B 203 -1.24 8.66 22.25
C LEU B 203 -1.27 9.19 23.68
N ARG B 204 -0.72 8.42 24.61
N ARG B 204 -0.72 8.42 24.61
CA ARG B 204 -0.62 8.87 26.00
CA ARG B 204 -0.62 8.86 26.00
C ARG B 204 0.37 10.02 26.10
C ARG B 204 0.38 10.01 26.11
N GLU B 205 1.42 9.96 25.29
CA GLU B 205 2.45 11.00 25.29
C GLU B 205 2.02 12.26 24.54
N HIS B 206 1.03 12.13 23.66
CA HIS B 206 0.56 13.26 22.88
C HIS B 206 -0.96 13.38 22.95
N PRO B 207 -1.43 14.05 24.00
CA PRO B 207 -2.84 14.19 24.38
C PRO B 207 -3.77 14.59 23.23
N GLY B 208 -3.31 15.44 22.31
CA GLY B 208 -4.16 15.91 21.23
C GLY B 208 -4.09 15.08 19.97
N LEU B 209 -3.32 14.00 20.02
CA LEU B 209 -3.06 13.18 18.84
C LEU B 209 -4.11 12.08 18.68
N GLN B 210 -4.49 11.80 17.43
CA GLN B 210 -5.38 10.68 17.11
C GLN B 210 -4.55 9.53 16.58
N GLY B 211 -5.02 8.30 16.78
CA GLY B 211 -4.29 7.14 16.35
C GLY B 211 -5.17 6.09 15.70
N VAL B 212 -4.62 5.39 14.71
CA VAL B 212 -5.33 4.31 14.04
C VAL B 212 -4.44 3.09 13.87
N LEU B 213 -4.87 1.98 14.46
CA LEU B 213 -4.13 0.73 14.41
C LEU B 213 -4.61 -0.15 13.26
N LEU B 214 -3.68 -0.64 12.44
CA LEU B 214 -4.00 -1.58 11.37
C LEU B 214 -3.28 -2.88 11.56
N ASP B 215 -4.02 -3.98 11.56
CA ASP B 215 -3.43 -5.30 11.65
C ASP B 215 -4.48 -6.34 11.27
N ARG B 216 -4.12 -7.61 11.34
CA ARG B 216 -5.04 -8.70 11.01
C ARG B 216 -6.18 -8.78 12.01
N ALA B 217 -7.32 -9.28 11.54
CA ALA B 217 -8.52 -9.39 12.38
C ALA B 217 -8.26 -10.18 13.65
N GLU B 218 -7.54 -11.28 13.52
CA GLU B 218 -7.14 -12.10 14.66
C GLU B 218 -6.41 -11.28 15.72
N VAL B 219 -5.55 -10.38 15.26
CA VAL B 219 -4.66 -9.65 16.16
C VAL B 219 -5.35 -8.48 16.84
N VAL B 220 -6.23 -7.80 16.12
CA VAL B 220 -6.88 -6.62 16.65
C VAL B 220 -8.09 -6.95 17.52
N ALA B 221 -8.37 -8.24 17.67
CA ALA B 221 -9.48 -8.67 18.51
C ALA B 221 -9.11 -8.52 19.97
N ARG B 222 -7.82 -8.43 20.23
CA ARG B 222 -7.30 -8.37 21.59
C ARG B 222 -6.84 -6.96 21.94
N HIS B 223 -6.90 -6.06 20.95
CA HIS B 223 -6.25 -4.76 21.06
C HIS B 223 -6.45 -4.06 22.40
N ARG B 224 -5.50 -3.22 22.76
CA ARG B 224 -5.51 -2.56 24.06
C ARG B 224 -5.61 -1.05 23.92
N LEU B 225 -6.33 -0.59 22.90
CA LEU B 225 -6.48 0.84 22.66
C LEU B 225 -7.73 1.42 23.33
N ASP B 226 -8.61 0.56 23.79
CA ASP B 226 -9.86 1.03 24.39
C ASP B 226 -9.64 1.44 25.85
N ALA B 227 -8.54 2.12 26.11
CA ALA B 227 -8.21 2.56 27.46
C ALA B 227 -8.73 3.98 27.70
N PRO B 228 -9.00 4.31 28.97
CA PRO B 228 -9.49 5.65 29.34
C PRO B 228 -8.54 6.77 28.92
N ASP B 229 -7.24 6.52 29.02
CA ASP B 229 -6.23 7.52 28.68
C ASP B 229 -6.37 8.05 27.25
N VAL B 230 -6.90 7.23 26.35
CA VAL B 230 -7.00 7.62 24.95
C VAL B 230 -8.43 7.57 24.41
N ALA B 231 -9.40 7.76 25.28
CA ALA B 231 -10.80 7.74 24.87
C ALA B 231 -11.07 8.76 23.77
N GLY B 232 -11.75 8.32 22.72
CA GLY B 232 -12.11 9.19 21.62
C GLY B 232 -10.95 9.66 20.75
N ARG B 233 -9.81 8.98 20.84
CA ARG B 233 -8.66 9.37 20.04
C ARG B 233 -8.07 8.19 19.27
N TRP B 234 -8.78 7.07 19.28
CA TRP B 234 -8.27 5.84 18.70
C TRP B 234 -9.27 5.20 17.75
N LYS B 235 -8.77 4.30 16.91
CA LYS B 235 -9.58 3.61 15.93
C LYS B 235 -8.80 2.41 15.42
N VAL B 236 -9.47 1.27 15.30
CA VAL B 236 -8.79 0.05 14.90
C VAL B 236 -9.37 -0.51 13.60
N VAL B 237 -8.48 -0.96 12.72
CA VAL B 237 -8.87 -1.44 11.41
C VAL B 237 -8.28 -2.81 11.11
N GLU B 238 -9.15 -3.77 10.83
CA GLU B 238 -8.73 -5.05 10.30
C GLU B 238 -8.39 -4.84 8.83
N GLY B 239 -7.26 -5.35 8.38
CA GLY B 239 -6.84 -5.14 7.02
C GLY B 239 -5.53 -5.79 6.66
N ASP B 240 -5.04 -5.47 5.47
CA ASP B 240 -3.83 -6.09 4.94
C ASP B 240 -2.95 -5.01 4.33
N PHE B 241 -1.80 -4.76 4.94
CA PHE B 241 -0.95 -3.68 4.49
C PHE B 241 -0.27 -3.95 3.14
N LEU B 242 -0.61 -5.06 2.52
CA LEU B 242 -0.11 -5.36 1.19
C LEU B 242 -1.06 -4.81 0.14
N ARG B 243 -2.27 -4.46 0.58
CA ARG B 243 -3.30 -3.94 -0.31
C ARG B 243 -3.52 -2.45 -0.07
N GLU B 244 -3.61 -2.05 1.20
CA GLU B 244 -3.86 -0.66 1.52
C GLU B 244 -3.64 -0.36 3.01
N VAL B 245 -3.27 0.88 3.30
CA VAL B 245 -3.13 1.34 4.67
C VAL B 245 -3.93 2.64 4.84
N PRO B 246 -4.34 2.94 6.08
CA PRO B 246 -5.16 4.13 6.31
C PRO B 246 -4.40 5.43 6.06
N HIS B 247 -5.12 6.49 5.73
N HIS B 247 -5.13 6.50 5.75
CA HIS B 247 -4.53 7.80 5.58
CA HIS B 247 -4.53 7.83 5.56
C HIS B 247 -4.03 8.27 6.95
C HIS B 247 -4.12 8.43 6.90
N ALA B 248 -2.92 8.99 6.95
CA ALA B 248 -2.37 9.51 8.21
C ALA B 248 -1.32 10.57 7.98
N ASP B 249 -1.08 11.38 9.01
CA ASP B 249 -0.03 12.40 8.98
C ASP B 249 1.33 11.77 9.26
N VAL B 250 1.31 10.61 9.92
CA VAL B 250 2.52 9.86 10.21
C VAL B 250 2.21 8.36 10.15
N HIS B 251 2.96 7.64 9.33
CA HIS B 251 2.82 6.20 9.26
C HIS B 251 3.95 5.54 10.02
N VAL B 252 3.64 4.48 10.75
CA VAL B 252 4.65 3.76 11.52
C VAL B 252 4.75 2.30 11.12
N LEU B 253 5.98 1.85 10.86
CA LEU B 253 6.24 0.45 10.57
C LEU B 253 7.30 -0.08 11.54
N LYS B 254 6.85 -0.58 12.68
CA LYS B 254 7.76 -1.06 13.70
C LYS B 254 7.87 -2.58 13.63
N ARG B 255 9.08 -3.08 13.43
CA ARG B 255 9.33 -4.51 13.34
C ARG B 255 8.43 -5.15 12.29
N ILE B 256 8.35 -4.50 11.13
CA ILE B 256 7.57 -5.03 10.02
C ILE B 256 8.47 -5.50 8.87
N LEU B 257 9.34 -4.60 8.41
CA LEU B 257 10.11 -4.86 7.20
C LEU B 257 11.10 -6.02 7.31
N HIS B 258 11.68 -6.22 8.48
CA HIS B 258 12.65 -7.31 8.64
C HIS B 258 11.99 -8.69 8.59
N ASN B 259 10.68 -8.71 8.31
CA ASN B 259 9.95 -9.97 8.16
C ASN B 259 9.57 -10.24 6.70
N TRP B 260 9.90 -9.30 5.82
CA TRP B 260 9.47 -9.39 4.42
C TRP B 260 10.61 -9.24 3.44
N GLY B 261 10.46 -9.87 2.28
CA GLY B 261 11.43 -9.75 1.20
C GLY B 261 11.32 -8.40 0.52
N ASP B 262 12.31 -8.08 -0.31
CA ASP B 262 12.39 -6.78 -0.96
C ASP B 262 11.12 -6.42 -1.74
N GLU B 263 10.54 -7.41 -2.40
CA GLU B 263 9.33 -7.18 -3.18
C GLU B 263 8.18 -6.72 -2.30
N ASP B 264 7.79 -7.57 -1.36
CA ASP B 264 6.71 -7.25 -0.44
C ASP B 264 6.96 -5.92 0.27
N SER B 265 8.22 -5.69 0.64
CA SER B 265 8.60 -4.47 1.35
C SER B 265 8.21 -3.21 0.58
N VAL B 266 8.52 -3.20 -0.71
CA VAL B 266 8.16 -2.07 -1.56
C VAL B 266 6.63 -1.90 -1.63
N ARG B 267 5.91 -3.02 -1.63
CA ARG B 267 4.45 -2.97 -1.69
C ARG B 267 3.88 -2.27 -0.46
N ILE B 268 4.38 -2.65 0.71
CA ILE B 268 3.96 -2.03 1.96
C ILE B 268 4.25 -0.54 1.94
N LEU B 269 5.48 -0.19 1.61
CA LEU B 269 5.91 1.20 1.57
C LEU B 269 5.08 1.99 0.56
N THR B 270 4.87 1.40 -0.62
CA THR B 270 4.08 2.05 -1.66
C THR B 270 2.70 2.41 -1.14
N ASN B 271 2.04 1.46 -0.49
CA ASN B 271 0.70 1.69 0.05
C ASN B 271 0.66 2.84 1.05
N CYS B 272 1.74 3.02 1.81
CA CYS B 272 1.83 4.15 2.71
C CYS B 272 1.99 5.43 1.91
N ARG B 273 2.95 5.41 0.99
CA ARG B 273 3.22 6.55 0.12
C ARG B 273 1.97 7.08 -0.57
N ARG B 274 1.08 6.18 -0.98
CA ARG B 274 -0.13 6.55 -1.69
C ARG B 274 -1.03 7.45 -0.86
N VAL B 275 -1.23 7.08 0.41
CA VAL B 275 -2.13 7.82 1.28
C VAL B 275 -1.36 8.77 2.18
N PRO B 277 0.28 12.46 2.93
CA PRO B 277 0.19 13.89 2.61
C PRO B 277 1.58 14.50 2.38
N ALA B 278 1.62 15.74 1.89
CA ALA B 278 2.87 16.40 1.57
C ALA B 278 3.77 16.50 2.80
N HIS B 279 3.15 16.75 3.95
CA HIS B 279 3.88 16.92 5.20
C HIS B 279 4.07 15.58 5.91
N GLY B 280 3.60 14.51 5.28
CA GLY B 280 3.58 13.21 5.90
C GLY B 280 4.92 12.49 5.90
N ARG B 281 4.98 11.36 6.59
N ARG B 281 4.98 11.36 6.59
CA ARG B 281 6.21 10.57 6.67
CA ARG B 281 6.22 10.59 6.69
C ARG B 281 5.93 9.17 7.15
C ARG B 281 5.96 9.17 7.20
N VAL B 282 6.78 8.24 6.75
CA VAL B 282 6.69 6.87 7.23
C VAL B 282 7.92 6.56 8.07
N LEU B 283 7.67 6.13 9.30
CA LEU B 283 8.73 5.80 10.22
C LEU B 283 8.97 4.31 10.23
N VAL B 284 10.04 3.89 9.56
CA VAL B 284 10.45 2.50 9.62
C VAL B 284 11.28 2.35 10.89
N ILE B 285 10.68 1.69 11.87
CA ILE B 285 11.33 1.50 13.16
C ILE B 285 11.80 0.05 13.29
N ASP B 286 13.12 -0.13 13.20
CA ASP B 286 13.72 -1.46 13.23
C ASP B 286 15.16 -1.39 13.73
N ALA B 287 15.77 -2.57 13.87
CA ALA B 287 17.17 -2.66 14.25
C ALA B 287 18.04 -2.44 13.02
N VAL B 288 18.15 -1.20 12.59
CA VAL B 288 18.95 -0.85 11.41
C VAL B 288 20.44 -1.07 11.66
N VAL B 289 21.03 -2.01 10.90
CA VAL B 289 22.43 -2.33 11.05
C VAL B 289 23.29 -1.22 10.48
N PRO B 290 24.17 -0.64 11.31
CA PRO B 290 25.08 0.41 10.89
C PRO B 290 26.21 -0.18 10.06
N GLU B 291 26.80 0.61 9.16
CA GLU B 291 28.00 0.18 8.45
C GLU B 291 29.17 0.15 9.43
N GLY B 292 30.26 -0.50 9.02
CA GLY B 292 31.45 -0.55 9.85
C GLY B 292 31.59 -1.83 10.66
N ASN B 293 32.58 -1.86 11.54
CA ASN B 293 32.87 -3.05 12.33
C ASN B 293 32.76 -2.79 13.83
N ASP B 294 31.94 -1.81 14.20
CA ASP B 294 31.80 -1.46 15.59
C ASP B 294 30.61 -2.15 16.23
N ALA B 295 30.67 -2.32 17.54
CA ALA B 295 29.62 -3.00 18.28
C ALA B 295 28.29 -2.28 18.15
N HIS B 296 27.24 -3.04 17.86
CA HIS B 296 25.89 -2.54 17.82
C HIS B 296 24.95 -3.72 17.94
N GLN B 297 23.99 -3.64 18.85
CA GLN B 297 23.17 -4.81 19.16
C GLN B 297 22.35 -5.29 17.97
N SER B 298 22.13 -4.42 16.99
CA SER B 298 21.36 -4.81 15.81
C SER B 298 22.02 -5.99 15.11
N LYS B 299 23.35 -6.05 15.18
CA LYS B 299 24.09 -7.13 14.52
C LYS B 299 23.86 -8.45 15.23
N GLU B 300 23.78 -8.41 16.55
CA GLU B 300 23.56 -9.59 17.36
C GLU B 300 22.14 -10.10 17.14
N ASP B 302 20.40 -9.56 14.30
CA ASP B 302 20.39 -10.07 12.94
C ASP B 302 20.88 -11.53 12.93
N PHE B 303 21.84 -11.81 13.80
CA PHE B 303 22.34 -13.17 13.93
C PHE B 303 21.30 -14.10 14.52
N LEU B 306 18.95 -15.01 11.85
CA LEU B 306 19.62 -15.96 10.97
C LEU B 306 19.51 -17.36 11.58
N ALA B 307 19.84 -17.45 12.86
CA ALA B 307 19.83 -18.74 13.56
C ALA B 307 18.42 -19.31 13.63
N ALA B 308 17.44 -18.45 13.90
CA ALA B 308 16.06 -18.89 14.05
C ALA B 308 15.33 -19.00 12.70
N ARG B 309 16.04 -18.70 11.62
CA ARG B 309 15.48 -18.80 10.27
C ARG B 309 14.23 -17.93 10.12
N THR B 310 14.36 -16.64 10.47
CA THR B 310 13.20 -15.77 10.53
C THR B 310 13.52 -14.33 10.16
N GLY B 311 13.54 -14.04 8.86
CA GLY B 311 13.73 -12.66 8.43
C GLY B 311 15.15 -12.16 8.62
N GLN B 312 15.35 -10.86 8.38
CA GLN B 312 16.68 -10.29 8.43
C GLN B 312 16.62 -8.78 8.58
N GLU B 313 17.58 -8.23 9.33
CA GLU B 313 17.68 -6.79 9.47
C GLU B 313 18.40 -6.19 8.28
N ARG B 314 18.00 -4.99 7.89
CA ARG B 314 18.64 -4.30 6.77
C ARG B 314 19.52 -3.15 7.26
N THR B 315 20.45 -2.74 6.41
CA THR B 315 21.26 -1.55 6.66
C THR B 315 20.53 -0.35 6.07
N ALA B 316 21.02 0.84 6.36
CA ALA B 316 20.45 2.04 5.76
C ALA B 316 20.59 1.97 4.24
N ALA B 317 21.77 1.57 3.78
CA ALA B 317 22.05 1.50 2.35
C ALA B 317 21.16 0.48 1.62
N GLU B 318 20.66 -0.51 2.36
CA GLU B 318 19.82 -1.54 1.77
C GLU B 318 18.36 -1.11 1.74
N LEU B 319 17.95 -0.30 2.72
CA LEU B 319 16.58 0.19 2.78
C LEU B 319 16.33 1.21 1.67
N GLU B 320 17.36 1.98 1.35
CA GLU B 320 17.20 3.11 0.44
C GLU B 320 16.55 2.77 -0.90
N PRO B 321 17.03 1.70 -1.57
CA PRO B 321 16.43 1.34 -2.86
C PRO B 321 14.95 0.97 -2.73
N LEU B 322 14.58 0.40 -1.58
CA LEU B 322 13.20 0.04 -1.32
C LEU B 322 12.34 1.29 -1.18
N PHE B 323 12.84 2.27 -0.43
CA PHE B 323 12.14 3.55 -0.29
C PHE B 323 11.95 4.21 -1.66
N THR B 324 13.04 4.33 -2.40
CA THR B 324 13.00 4.95 -3.73
C THR B 324 12.06 4.21 -4.66
N ALA B 325 11.99 2.90 -4.51
CA ALA B 325 11.11 2.07 -5.33
C ALA B 325 9.65 2.34 -5.00
N ALA B 326 9.38 2.69 -3.74
CA ALA B 326 8.01 2.93 -3.29
C ALA B 326 7.59 4.38 -3.45
N GLY B 327 8.44 5.19 -4.09
CA GLY B 327 8.13 6.60 -4.30
C GLY B 327 8.44 7.46 -3.10
N LEU B 328 9.25 6.92 -2.18
CA LEU B 328 9.68 7.65 -1.01
C LEU B 328 11.14 8.04 -1.15
N ARG B 329 11.59 8.94 -0.29
CA ARG B 329 13.00 9.24 -0.15
C ARG B 329 13.41 9.02 1.31
N LEU B 330 14.45 8.23 1.51
CA LEU B 330 15.00 8.03 2.85
C LEU B 330 15.74 9.28 3.28
N ASP B 331 15.09 10.13 4.07
CA ASP B 331 15.69 11.39 4.47
C ASP B 331 16.79 11.20 5.50
N ARG B 332 16.54 10.35 6.50
CA ARG B 332 17.48 10.19 7.60
C ARG B 332 17.20 8.93 8.39
N VAL B 333 18.22 8.48 9.12
CA VAL B 333 18.09 7.37 10.03
C VAL B 333 18.46 7.85 11.43
N VAL B 334 17.46 7.94 12.31
CA VAL B 334 17.65 8.48 13.65
C VAL B 334 18.01 7.39 14.65
N GLY B 335 19.17 7.51 15.27
CA GLY B 335 19.58 6.58 16.32
C GLY B 335 18.88 6.90 17.63
N THR B 336 18.76 5.90 18.50
CA THR B 336 18.13 6.09 19.82
C THR B 336 18.90 5.34 20.91
N SER B 337 18.52 5.58 22.16
CA SER B 337 19.20 4.93 23.28
C SER B 337 18.92 3.43 23.36
N SER B 338 18.15 2.91 22.40
CA SER B 338 17.90 1.48 22.32
C SER B 338 18.44 0.93 21.00
N VAL B 339 18.19 -0.34 20.74
CA VAL B 339 18.69 -0.98 19.54
C VAL B 339 17.92 -0.54 18.29
N SER B 341 16.38 1.91 15.52
CA SER B 341 16.59 3.19 14.86
C SER B 341 15.34 3.55 14.06
N ILE B 342 15.20 4.84 13.73
CA ILE B 342 14.03 5.31 13.00
C ILE B 342 14.39 5.81 11.61
N ALA B 343 14.21 4.96 10.62
CA ALA B 343 14.45 5.34 9.23
C ALA B 343 13.25 6.09 8.69
N VAL B 344 13.44 7.38 8.40
CA VAL B 344 12.34 8.25 8.02
C VAL B 344 12.21 8.41 6.51
N GLY B 345 11.08 8.00 5.97
CA GLY B 345 10.81 8.14 4.55
C GLY B 345 9.75 9.19 4.27
N VAL B 346 10.05 10.10 3.35
CA VAL B 346 9.12 11.16 2.98
C VAL B 346 8.78 11.06 1.51
N PRO B 347 7.68 11.73 1.10
CA PRO B 347 7.26 11.69 -0.30
C PRO B 347 8.37 12.13 -1.24
N ALA B 348 8.48 11.44 -2.38
CA ALA B 348 9.45 11.81 -3.41
C ALA B 348 8.70 12.08 -4.71
#